data_5JW1
#
_entry.id   5JW1
#
_cell.length_a   120.362
_cell.length_b   132.198
_cell.length_c   180.392
_cell.angle_alpha   90.00
_cell.angle_beta   90.00
_cell.angle_gamma   90.00
#
_symmetry.space_group_name_H-M   'I 2 2 2'
#
loop_
_entity.id
_entity.type
_entity.pdbx_description
1 polymer 'Prostaglandin G/H synthase 2'
2 branched 2-acetamido-2-deoxy-beta-D-glucopyranose-(1-4)-2-acetamido-2-deoxy-beta-D-glucopyranose
3 non-polymer 'PROTOPORPHYRIN IX CONTAINING CO'
4 non-polymer 4-[5-(4-METHYLPHENYL)-3-(TRIFLUOROMETHYL)-1H-PYRAZOL-1-YL]BENZENESULFONAMIDE
5 non-polymer 'octyl beta-D-glucopyranoside'
6 non-polymer 2-acetamido-2-deoxy-beta-D-glucopyranose
7 water water
#
_entity_poly.entity_id   1
_entity_poly.type   'polypeptide(L)'
_entity_poly.pdbx_seq_one_letter_code
;HHPCCSNPCQNRGECMSTGFDQYKCDCTRTGFYGENCTTPEFLTRIKLLLKPTPNTVHYILTHFKGVWNIVNNIPFLRSL
IMKYVLTSRPYLIDSPPTYNVHYGYKSWEAFSNLSYYTRALPPVADDCPTPMGVKGNKELPDSKEVLEKVLLRREFIPDP
QGSNMMFAFFAQHFTHQFFKTDHKRGPGFTRGLGHGVDLNHIYGETLDRQHKLRLFKDGKLKYQVIGGEVYPPTVKDTQV
EMIYPPHIPENLQFAVGQEVFGLVPGLMMYATIWLREHNRVCDILKQEHPEWGDEQLFQTSRLILIGETIKIVIEDYVQH
LSGYHFKLKFDPELLFNQQFQYQNRIASEFNTLYHWHPLLPDTFNIEDQEYSFKQFLYNNSILLEHGLTQFVESFTRQIA
GRVAGGRNVPIAVQAVAKASIDQSREMKYQSLNEYRKRFSLKPYTSFEELTGEKEMAAELKALYSDIDVMELYPALLVEK
PRPDAIFGETMVELGAPFSLKGLMGNPICSPQYWKPSTFGGEVGFKIINTASIQSLICNNVKGCPFTSFNVQ
;
_entity_poly.pdbx_strand_id   A,B
#
loop_
_chem_comp.id
_chem_comp.type
_chem_comp.name
_chem_comp.formula
BOG D-saccharide 'octyl beta-D-glucopyranoside' 'C14 H28 O6'
CEL non-polymer 4-[5-(4-METHYLPHENYL)-3-(TRIFLUOROMETHYL)-1H-PYRAZOL-1-YL]BENZENESULFONAMIDE 'C17 H14 F3 N3 O2 S'
COH non-polymer 'PROTOPORPHYRIN IX CONTAINING CO' 'C34 H32 Co N4 O4'
NAG D-saccharide, beta linking 2-acetamido-2-deoxy-beta-D-glucopyranose 'C8 H15 N O6'
#
# COMPACT_ATOMS: atom_id res chain seq x y z
N HIS A 1 -0.61 31.55 19.77
CA HIS A 1 -0.78 30.13 19.49
C HIS A 1 -0.96 29.89 17.99
N HIS A 2 -1.25 28.64 17.63
CA HIS A 2 -1.40 28.26 16.23
C HIS A 2 -2.58 28.97 15.58
N PRO A 3 -2.34 29.64 14.44
CA PRO A 3 -3.37 30.43 13.77
C PRO A 3 -4.49 29.59 13.15
N CYS A 4 -4.32 28.27 13.10
CA CYS A 4 -5.33 27.40 12.53
C CYS A 4 -6.18 26.73 13.60
N CYS A 5 -6.04 27.17 14.85
CA CYS A 5 -6.74 26.54 15.97
C CYS A 5 -8.25 26.70 15.85
N SER A 6 -8.69 27.76 15.17
CA SER A 6 -10.12 28.01 15.05
C SER A 6 -10.75 27.22 13.93
N ASN A 7 -9.92 26.47 13.21
CA ASN A 7 -10.35 25.70 12.03
C ASN A 7 -11.15 26.55 11.03
N PRO A 8 -10.48 27.51 10.39
CA PRO A 8 -11.18 28.45 9.50
C PRO A 8 -11.50 27.88 8.12
N CYS A 9 -10.64 26.99 7.61
CA CYS A 9 -10.80 26.45 6.26
C CYS A 9 -11.96 25.47 6.14
N GLN A 10 -12.87 25.76 5.23
CA GLN A 10 -14.07 24.96 5.04
C GLN A 10 -14.00 24.14 3.76
N ASN A 11 -14.87 23.14 3.67
CA ASN A 11 -15.00 22.32 2.47
C ASN A 11 -13.72 21.62 2.08
N ARG A 12 -13.12 20.91 3.03
CA ARG A 12 -11.92 20.12 2.81
C ARG A 12 -10.73 20.97 2.40
N GLY A 13 -10.80 22.27 2.69
CA GLY A 13 -9.68 23.16 2.47
C GLY A 13 -8.64 22.93 3.53
N GLU A 14 -7.37 23.09 3.19
CA GLU A 14 -6.30 22.77 4.11
C GLU A 14 -5.65 24.03 4.67
N CYS A 15 -5.54 24.07 6.00
CA CYS A 15 -5.05 25.25 6.69
C CYS A 15 -3.54 25.18 6.93
N MET A 16 -2.88 26.31 6.76
CA MET A 16 -1.44 26.40 6.92
C MET A 16 -1.06 27.72 7.57
N SER A 17 -0.16 27.67 8.55
CA SER A 17 0.32 28.88 9.20
C SER A 17 1.29 29.61 8.28
N THR A 18 1.09 30.91 8.11
CA THR A 18 1.97 31.71 7.26
C THR A 18 2.86 32.62 8.09
N GLY A 19 2.45 32.85 9.33
CA GLY A 19 3.22 33.64 10.27
C GLY A 19 2.93 33.16 11.67
N PHE A 20 3.24 33.98 12.67
CA PHE A 20 2.98 33.60 14.06
C PHE A 20 1.49 33.68 14.37
N ASP A 21 0.78 34.54 13.65
CA ASP A 21 -0.66 34.70 13.86
C ASP A 21 -1.40 34.99 12.56
N GLN A 22 -1.01 34.32 11.49
CA GLN A 22 -1.70 34.41 10.21
C GLN A 22 -1.76 33.06 9.54
N TYR A 23 -2.77 32.85 8.70
CA TYR A 23 -2.93 31.57 8.03
C TYR A 23 -3.30 31.73 6.57
N LYS A 24 -3.28 30.61 5.85
CA LYS A 24 -3.67 30.56 4.45
C LYS A 24 -4.47 29.28 4.23
N CYS A 25 -5.54 29.37 3.44
CA CYS A 25 -6.32 28.19 3.13
C CYS A 25 -6.04 27.73 1.71
N ASP A 26 -5.82 26.42 1.56
CA ASP A 26 -5.59 25.83 0.24
C ASP A 26 -6.90 25.27 -0.27
N CYS A 27 -7.48 25.95 -1.26
CA CYS A 27 -8.79 25.58 -1.78
C CYS A 27 -8.68 24.71 -3.02
N THR A 28 -7.54 24.06 -3.20
CA THR A 28 -7.29 23.21 -4.35
C THR A 28 -8.30 22.07 -4.44
N ARG A 29 -9.02 22.02 -5.56
CA ARG A 29 -10.00 20.99 -5.86
C ARG A 29 -11.06 20.81 -4.78
N THR A 30 -11.41 21.91 -4.11
CA THR A 30 -12.48 21.90 -3.12
C THR A 30 -13.79 22.27 -3.79
N GLY A 31 -13.70 22.98 -4.90
CA GLY A 31 -14.87 23.50 -5.59
C GLY A 31 -15.22 24.88 -5.06
N PHE A 32 -14.40 25.37 -4.14
CA PHE A 32 -14.61 26.67 -3.52
C PHE A 32 -13.36 27.54 -3.67
N TYR A 33 -13.49 28.81 -3.30
CA TYR A 33 -12.35 29.70 -3.19
C TYR A 33 -12.64 30.79 -2.17
N GLY A 34 -11.77 31.79 -2.08
CA GLY A 34 -11.88 32.80 -1.06
C GLY A 34 -10.94 32.51 0.09
N GLU A 35 -10.85 33.43 1.04
CA GLU A 35 -9.91 33.29 2.15
C GLU A 35 -10.13 32.01 2.95
N ASN A 36 -11.40 31.68 3.19
CA ASN A 36 -11.73 30.52 4.01
C ASN A 36 -12.32 29.35 3.21
N CYS A 37 -12.20 29.43 1.88
CA CYS A 37 -12.79 28.44 0.97
C CYS A 37 -14.30 28.34 1.14
N THR A 38 -14.96 29.49 1.29
CA THR A 38 -16.40 29.51 1.52
C THR A 38 -17.19 29.98 0.31
N THR A 39 -16.52 30.62 -0.64
CA THR A 39 -17.17 31.07 -1.86
C THR A 39 -17.13 29.97 -2.93
N PRO A 40 -18.30 29.42 -3.28
CA PRO A 40 -18.40 28.29 -4.21
C PRO A 40 -18.28 28.70 -5.68
N GLU A 41 -17.76 27.80 -6.50
CA GLU A 41 -17.73 28.00 -7.94
C GLU A 41 -19.13 27.76 -8.49
N PHE A 42 -19.36 28.19 -9.72
CA PHE A 42 -20.69 28.10 -10.32
C PHE A 42 -21.15 26.65 -10.43
N LEU A 43 -20.28 25.78 -10.92
CA LEU A 43 -20.59 24.36 -11.04
C LEU A 43 -20.87 23.74 -9.67
N THR A 44 -20.10 24.17 -8.67
CA THR A 44 -20.28 23.70 -7.31
C THR A 44 -21.64 24.15 -6.78
N ARG A 45 -22.01 25.38 -7.10
CA ARG A 45 -23.27 25.97 -6.64
C ARG A 45 -24.46 25.21 -7.20
N ILE A 46 -24.24 24.56 -8.35
CA ILE A 46 -25.26 23.72 -8.96
C ILE A 46 -25.32 22.37 -8.27
N LYS A 47 -24.16 21.75 -8.07
CA LYS A 47 -24.06 20.44 -7.45
C LYS A 47 -24.67 20.42 -6.04
N LEU A 48 -24.68 21.57 -5.39
CA LEU A 48 -25.23 21.67 -4.05
C LEU A 48 -26.75 21.66 -4.06
N LEU A 49 -27.35 22.45 -4.94
CA LEU A 49 -28.80 22.58 -5.01
C LEU A 49 -29.47 21.28 -5.45
N LEU A 50 -28.73 20.46 -6.19
CA LEU A 50 -29.28 19.22 -6.73
C LEU A 50 -28.86 18.00 -5.91
N LYS A 51 -28.13 18.23 -4.83
CA LYS A 51 -27.68 17.14 -3.98
C LYS A 51 -28.76 16.77 -2.96
N PRO A 52 -29.17 15.50 -2.96
CA PRO A 52 -30.15 15.00 -1.98
C PRO A 52 -29.53 14.79 -0.61
N THR A 53 -30.24 15.23 0.44
CA THR A 53 -29.78 15.06 1.80
C THR A 53 -29.72 13.58 2.17
N PRO A 54 -28.81 13.20 3.08
CA PRO A 54 -28.68 11.82 3.53
C PRO A 54 -29.99 11.24 4.06
N ASN A 55 -30.79 12.06 4.72
CA ASN A 55 -32.08 11.63 5.23
C ASN A 55 -33.08 11.39 4.08
N THR A 56 -32.93 12.15 3.01
CA THR A 56 -33.77 11.95 1.83
C THR A 56 -33.40 10.63 1.15
N VAL A 57 -32.11 10.35 1.08
CA VAL A 57 -31.62 9.12 0.49
C VAL A 57 -32.02 7.91 1.33
N HIS A 58 -31.98 8.06 2.65
CA HIS A 58 -32.31 6.97 3.54
C HIS A 58 -33.78 6.62 3.47
N TYR A 59 -34.63 7.62 3.26
CA TYR A 59 -36.07 7.38 3.15
C TYR A 59 -36.38 6.53 1.92
N ILE A 60 -35.75 6.87 0.80
CA ILE A 60 -35.96 6.15 -0.45
C ILE A 60 -35.49 4.70 -0.36
N LEU A 61 -34.36 4.49 0.30
CA LEU A 61 -33.77 3.16 0.41
C LEU A 61 -34.55 2.26 1.37
N THR A 62 -35.37 2.87 2.23
CA THR A 62 -36.13 2.11 3.20
C THR A 62 -37.61 2.03 2.86
N HIS A 63 -38.01 2.70 1.79
CA HIS A 63 -39.41 2.70 1.37
C HIS A 63 -39.55 2.19 -0.06
N PHE A 64 -40.79 2.17 -0.55
CA PHE A 64 -41.09 1.69 -1.89
C PHE A 64 -40.60 0.26 -2.07
N LYS A 65 -41.04 -0.65 -1.20
CA LYS A 65 -40.56 -2.02 -1.21
C LYS A 65 -40.95 -2.74 -2.49
N GLY A 66 -42.10 -2.37 -3.06
CA GLY A 66 -42.56 -2.97 -4.29
C GLY A 66 -41.65 -2.63 -5.45
N VAL A 67 -40.97 -1.50 -5.35
CA VAL A 67 -40.07 -1.04 -6.39
C VAL A 67 -38.71 -1.73 -6.28
N TRP A 68 -38.22 -1.86 -5.06
CA TRP A 68 -36.94 -2.52 -4.80
C TRP A 68 -37.04 -4.02 -5.07
N ASN A 69 -38.22 -4.58 -4.86
CA ASN A 69 -38.48 -5.98 -5.18
C ASN A 69 -38.26 -6.24 -6.66
N ILE A 70 -38.68 -5.29 -7.48
CA ILE A 70 -38.42 -5.37 -8.91
C ILE A 70 -36.92 -5.26 -9.16
N VAL A 71 -36.31 -4.21 -8.63
CA VAL A 71 -34.88 -3.96 -8.81
C VAL A 71 -34.01 -5.12 -8.34
N ASN A 72 -34.28 -5.62 -7.14
CA ASN A 72 -33.48 -6.71 -6.57
C ASN A 72 -33.51 -7.99 -7.40
N ASN A 73 -34.55 -8.12 -8.23
CA ASN A 73 -34.68 -9.32 -9.06
C ASN A 73 -34.31 -9.05 -10.51
N ILE A 74 -33.79 -7.86 -10.78
CA ILE A 74 -33.23 -7.55 -12.09
C ILE A 74 -31.72 -7.35 -11.93
N PRO A 75 -30.94 -8.40 -12.18
CA PRO A 75 -29.49 -8.44 -11.99
C PRO A 75 -28.78 -7.24 -12.61
N PHE A 76 -29.25 -6.77 -13.76
CA PHE A 76 -28.67 -5.61 -14.41
C PHE A 76 -28.91 -4.35 -13.59
N LEU A 77 -30.15 -4.20 -13.11
CA LEU A 77 -30.52 -3.02 -12.33
C LEU A 77 -29.87 -3.04 -10.96
N ARG A 78 -29.87 -4.21 -10.34
CA ARG A 78 -29.27 -4.40 -9.02
C ARG A 78 -27.79 -4.03 -9.05
N SER A 79 -27.06 -4.59 -10.01
CA SER A 79 -25.65 -4.29 -10.18
C SER A 79 -25.44 -2.82 -10.46
N LEU A 80 -26.40 -2.21 -11.15
CA LEU A 80 -26.32 -0.80 -11.51
C LEU A 80 -26.51 0.07 -10.28
N ILE A 81 -27.52 -0.26 -9.49
CA ILE A 81 -27.78 0.45 -8.25
C ILE A 81 -26.62 0.29 -7.28
N MET A 82 -26.11 -0.93 -7.17
CA MET A 82 -24.98 -1.21 -6.29
C MET A 82 -23.72 -0.49 -6.78
N LYS A 83 -23.59 -0.33 -8.09
CA LYS A 83 -22.48 0.39 -8.67
C LYS A 83 -22.50 1.84 -8.20
N TYR A 84 -23.68 2.38 -8.04
CA TYR A 84 -23.85 3.71 -7.51
C TYR A 84 -23.53 3.73 -6.04
N VAL A 85 -24.06 2.80 -5.28
CA VAL A 85 -23.80 2.77 -3.86
C VAL A 85 -22.31 2.84 -3.62
N LEU A 86 -21.53 2.13 -4.41
CA LEU A 86 -20.12 2.03 -4.17
C LEU A 86 -19.33 3.16 -4.77
N THR A 87 -19.98 4.01 -5.52
CA THR A 87 -19.29 5.10 -6.14
C THR A 87 -19.85 6.40 -5.73
N SER A 88 -20.91 6.37 -4.96
CA SER A 88 -21.52 7.56 -4.48
C SER A 88 -20.51 8.35 -3.74
N ARG A 89 -20.34 8.11 -2.45
CA ARG A 89 -19.42 8.88 -1.65
C ARG A 89 -18.07 8.73 -2.28
N PRO A 90 -17.57 9.85 -2.96
CA PRO A 90 -16.43 9.54 -3.82
C PRO A 90 -15.09 9.99 -3.35
N TYR A 91 -15.00 11.11 -2.65
CA TYR A 91 -13.70 11.54 -2.17
C TYR A 91 -13.65 11.76 -0.69
N LEU A 92 -14.55 11.13 0.03
CA LEU A 92 -14.65 11.33 1.46
C LEU A 92 -13.46 10.79 2.20
N ILE A 93 -12.75 9.85 1.63
CA ILE A 93 -11.65 9.21 2.32
C ILE A 93 -10.32 9.42 1.61
N ASP A 94 -9.33 9.91 2.34
CA ASP A 94 -7.99 10.09 1.81
C ASP A 94 -7.33 8.75 1.56
N SER A 95 -7.03 8.48 0.29
CA SER A 95 -6.34 7.26 -0.09
C SER A 95 -5.45 7.54 -1.30
N PRO A 96 -4.12 7.57 -1.12
CA PRO A 96 -3.29 7.32 0.07
C PRO A 96 -3.58 8.23 1.26
N PRO A 97 -3.42 7.70 2.49
CA PRO A 97 -3.77 8.39 3.75
C PRO A 97 -2.90 9.60 4.04
N THR A 98 -3.37 10.45 4.94
CA THR A 98 -2.69 11.71 5.23
C THR A 98 -2.22 11.84 6.69
N TYR A 99 -3.04 12.46 7.53
CA TYR A 99 -2.63 12.81 8.88
C TYR A 99 -2.71 11.64 9.85
N ASN A 100 -2.07 11.81 11.01
CA ASN A 100 -2.27 10.91 12.13
C ASN A 100 -2.18 11.69 13.44
N VAL A 101 -2.20 10.99 14.57
CA VAL A 101 -2.27 11.65 15.87
C VAL A 101 -1.09 12.58 16.12
N HIS A 102 0.05 12.31 15.47
CA HIS A 102 1.25 13.09 15.72
C HIS A 102 1.57 14.10 14.62
N TYR A 103 0.73 14.14 13.58
CA TYR A 103 0.96 15.04 12.47
C TYR A 103 -0.32 15.69 11.96
N GLY A 104 -0.44 16.99 12.15
CA GLY A 104 -1.58 17.75 11.65
C GLY A 104 -1.31 18.28 10.26
N TYR A 105 -0.19 17.81 9.69
CA TYR A 105 0.20 18.15 8.33
C TYR A 105 0.71 16.88 7.65
N LYS A 106 0.71 16.87 6.33
CA LYS A 106 1.16 15.67 5.61
C LYS A 106 2.66 15.53 5.69
N SER A 107 3.12 14.30 5.95
CA SER A 107 4.54 14.00 6.06
C SER A 107 4.80 12.57 5.64
N TRP A 108 6.05 12.25 5.35
CA TRP A 108 6.39 10.90 4.91
C TRP A 108 6.37 9.93 6.08
N GLU A 109 6.66 10.44 7.27
CA GLU A 109 6.56 9.64 8.48
C GLU A 109 5.12 9.17 8.69
N ALA A 110 4.18 10.08 8.46
CA ALA A 110 2.76 9.78 8.64
C ALA A 110 2.26 8.75 7.61
N PHE A 111 2.82 8.80 6.41
CA PHE A 111 2.41 7.88 5.36
C PHE A 111 3.05 6.49 5.52
N SER A 112 4.35 6.45 5.75
CA SER A 112 5.08 5.19 5.73
C SER A 112 4.80 4.34 6.97
N ASN A 113 4.76 4.99 8.13
CA ASN A 113 4.62 4.28 9.40
C ASN A 113 3.25 3.63 9.56
N LEU A 114 3.21 2.31 9.49
CA LEU A 114 1.95 1.57 9.54
C LEU A 114 1.45 1.35 10.97
N SER A 115 2.25 1.73 11.96
CA SER A 115 1.88 1.54 13.36
C SER A 115 0.76 2.49 13.77
N TYR A 116 0.74 3.67 13.15
CA TYR A 116 -0.29 4.66 13.43
C TYR A 116 -1.64 4.29 12.84
N TYR A 117 -2.70 4.60 13.58
CA TYR A 117 -4.01 4.77 12.94
C TYR A 117 -3.92 6.07 12.18
N THR A 118 -4.50 6.12 10.98
CA THR A 118 -4.56 7.36 10.24
C THR A 118 -5.71 8.20 10.78
N ARG A 119 -5.82 9.44 10.31
CA ARG A 119 -6.85 10.35 10.79
C ARG A 119 -7.61 11.03 9.66
N ALA A 120 -8.93 11.08 9.77
CA ALA A 120 -9.77 11.78 8.80
C ALA A 120 -9.63 13.28 8.97
N LEU A 121 -9.54 13.72 10.22
CA LEU A 121 -9.24 15.11 10.53
C LEU A 121 -7.95 15.17 11.33
N PRO A 122 -7.13 16.19 11.08
CA PRO A 122 -5.91 16.38 11.88
C PRO A 122 -6.27 16.66 13.33
N PRO A 123 -5.38 16.30 14.26
CA PRO A 123 -5.65 16.61 15.66
C PRO A 123 -5.59 18.10 15.93
N VAL A 124 -6.12 18.52 17.07
CA VAL A 124 -6.02 19.90 17.50
C VAL A 124 -4.59 20.16 17.94
N ALA A 125 -4.05 21.31 17.57
CA ALA A 125 -2.68 21.68 17.94
C ALA A 125 -2.51 21.72 19.46
N ASP A 126 -1.29 21.49 19.93
CA ASP A 126 -1.03 21.38 21.36
C ASP A 126 -1.29 22.68 22.11
N ASP A 127 -0.85 23.80 21.54
CA ASP A 127 -0.91 25.08 22.25
C ASP A 127 -2.21 25.83 22.00
N CYS A 128 -3.22 25.13 21.51
CA CYS A 128 -4.54 25.74 21.35
C CYS A 128 -5.14 26.06 22.71
N PRO A 129 -5.81 27.22 22.82
CA PRO A 129 -6.35 27.71 24.10
C PRO A 129 -7.39 26.77 24.73
N THR A 130 -8.36 26.31 23.94
CA THR A 130 -9.38 25.40 24.46
C THR A 130 -9.23 24.03 23.79
N PRO A 131 -9.66 22.96 24.49
CA PRO A 131 -9.53 21.58 24.01
C PRO A 131 -10.01 21.34 22.57
N MET A 132 -11.03 22.08 22.13
CA MET A 132 -11.55 21.88 20.78
C MET A 132 -11.08 22.96 19.80
N GLY A 133 -10.14 23.79 20.22
CA GLY A 133 -9.62 24.83 19.36
C GLY A 133 -9.65 26.20 20.02
N VAL A 134 -10.76 26.92 19.84
CA VAL A 134 -10.92 28.23 20.47
C VAL A 134 -12.28 28.36 21.20
N LYS A 135 -13.27 27.60 20.76
CA LYS A 135 -14.59 27.64 21.37
C LYS A 135 -14.66 26.74 22.60
N GLY A 136 -15.58 27.07 23.52
CA GLY A 136 -15.76 26.28 24.72
C GLY A 136 -14.96 26.76 25.90
N ASN A 137 -15.10 26.08 27.03
CA ASN A 137 -14.38 26.44 28.24
C ASN A 137 -12.96 25.91 28.22
N LYS A 138 -12.16 26.32 29.20
CA LYS A 138 -10.76 25.90 29.28
C LYS A 138 -10.61 24.40 29.41
N GLU A 139 -11.66 23.74 29.87
CA GLU A 139 -11.65 22.29 30.02
C GLU A 139 -12.97 21.69 29.56
N LEU A 140 -12.89 20.50 28.97
CA LEU A 140 -14.07 19.72 28.66
C LEU A 140 -14.69 19.22 29.96
N PRO A 141 -16.01 18.97 29.97
CA PRO A 141 -16.66 18.42 31.15
C PRO A 141 -16.05 17.10 31.59
N ASP A 142 -16.16 16.78 32.87
CA ASP A 142 -15.63 15.53 33.41
C ASP A 142 -16.24 14.36 32.66
N SER A 143 -15.39 13.45 32.18
CA SER A 143 -15.84 12.34 31.36
C SER A 143 -16.78 11.39 32.11
N LYS A 144 -16.50 11.16 33.39
CA LYS A 144 -17.36 10.33 34.21
C LYS A 144 -18.76 10.93 34.29
N GLU A 145 -18.80 12.26 34.42
CA GLU A 145 -20.07 12.98 34.53
C GLU A 145 -20.87 12.85 33.25
N VAL A 146 -20.19 12.96 32.11
CA VAL A 146 -20.84 12.80 30.82
C VAL A 146 -21.32 11.38 30.65
N LEU A 147 -20.49 10.43 31.06
CA LEU A 147 -20.82 9.01 30.99
C LEU A 147 -22.09 8.67 31.76
N GLU A 148 -22.14 9.07 33.02
CA GLU A 148 -23.24 8.67 33.90
C GLU A 148 -24.54 9.41 33.60
N LYS A 149 -24.44 10.63 33.08
CA LYS A 149 -25.62 11.44 32.84
C LYS A 149 -26.37 11.07 31.58
N VAL A 150 -25.66 10.69 30.52
CA VAL A 150 -26.32 10.43 29.24
C VAL A 150 -25.90 9.15 28.53
N LEU A 151 -24.90 8.45 29.06
CA LEU A 151 -24.40 7.25 28.39
C LEU A 151 -24.75 5.95 29.11
N LEU A 152 -24.54 5.92 30.42
CA LEU A 152 -24.78 4.70 31.19
C LEU A 152 -26.23 4.25 31.09
N ARG A 153 -26.42 2.93 31.12
CA ARG A 153 -27.74 2.34 30.92
C ARG A 153 -28.56 2.31 32.20
N ARG A 154 -29.79 2.77 32.08
CA ARG A 154 -30.76 2.66 33.16
C ARG A 154 -31.53 1.36 32.97
N GLU A 155 -32.32 1.33 31.92
CA GLU A 155 -33.11 0.16 31.56
C GLU A 155 -32.73 -0.30 30.16
N PHE A 156 -32.58 -1.61 29.98
CA PHE A 156 -32.13 -2.15 28.70
C PHE A 156 -33.04 -1.75 27.55
N ILE A 157 -32.46 -1.08 26.56
CA ILE A 157 -33.20 -0.68 25.37
C ILE A 157 -32.87 -1.60 24.20
N PRO A 158 -33.85 -2.34 23.71
CA PRO A 158 -33.66 -3.30 22.61
C PRO A 158 -33.43 -2.59 21.28
N ASP A 159 -32.75 -3.26 20.36
CA ASP A 159 -32.57 -2.73 19.02
C ASP A 159 -33.85 -2.91 18.20
N PRO A 160 -34.46 -1.80 17.77
CA PRO A 160 -35.71 -1.84 17.01
C PRO A 160 -35.56 -2.55 15.66
N GLN A 161 -34.32 -2.75 15.20
CA GLN A 161 -34.08 -3.47 13.95
C GLN A 161 -33.97 -4.97 14.18
N GLY A 162 -33.84 -5.35 15.45
CA GLY A 162 -33.89 -6.75 15.83
C GLY A 162 -32.56 -7.49 15.80
N SER A 163 -31.46 -6.75 15.92
CA SER A 163 -30.13 -7.37 15.91
C SER A 163 -29.99 -8.33 17.09
N ASN A 164 -29.42 -9.50 16.82
CA ASN A 164 -29.24 -10.50 17.86
C ASN A 164 -27.78 -10.64 18.29
N MET A 165 -27.50 -11.63 19.14
CA MET A 165 -26.16 -11.82 19.65
C MET A 165 -25.23 -12.45 18.61
N MET A 166 -25.81 -13.13 17.62
CA MET A 166 -25.02 -13.64 16.49
C MET A 166 -24.42 -12.47 15.74
N PHE A 167 -25.15 -11.36 15.69
CA PHE A 167 -24.68 -10.16 15.03
C PHE A 167 -23.62 -9.47 15.86
N ALA A 168 -23.90 -9.31 17.15
CA ALA A 168 -23.05 -8.54 18.04
C ALA A 168 -21.66 -9.17 18.19
N PHE A 169 -21.62 -10.49 18.28
CA PHE A 169 -20.35 -11.19 18.43
C PHE A 169 -19.61 -11.28 17.09
N PHE A 170 -20.35 -11.24 15.99
CA PHE A 170 -19.73 -11.18 14.67
C PHE A 170 -19.02 -9.84 14.50
N ALA A 171 -19.70 -8.76 14.87
CA ALA A 171 -19.14 -7.43 14.78
C ALA A 171 -17.87 -7.29 15.63
N GLN A 172 -17.85 -7.95 16.77
CA GLN A 172 -16.69 -7.86 17.65
C GLN A 172 -15.55 -8.69 17.08
N HIS A 173 -15.88 -9.90 16.64
CA HIS A 173 -14.91 -10.81 16.04
C HIS A 173 -14.32 -10.25 14.76
N PHE A 174 -15.18 -9.81 13.85
CA PHE A 174 -14.74 -9.36 12.53
C PHE A 174 -13.89 -8.10 12.59
N THR A 175 -14.31 -7.12 13.39
CA THR A 175 -13.62 -5.83 13.41
C THR A 175 -12.32 -5.87 14.19
N HIS A 176 -12.17 -6.82 15.09
CA HIS A 176 -10.97 -6.89 15.91
C HIS A 176 -9.82 -7.57 15.19
N GLN A 177 -9.89 -7.61 13.86
CA GLN A 177 -8.76 -8.03 13.06
C GLN A 177 -8.04 -6.78 12.55
N PHE A 178 -8.76 -5.67 12.45
CA PHE A 178 -8.15 -4.41 12.04
C PHE A 178 -8.31 -3.32 13.10
N PHE A 179 -8.95 -3.64 14.20
CA PHE A 179 -8.96 -2.77 15.37
C PHE A 179 -8.13 -3.38 16.49
N LYS A 180 -6.83 -3.53 16.26
CA LYS A 180 -5.94 -4.09 17.26
C LYS A 180 -5.11 -2.98 17.88
N THR A 181 -5.70 -2.27 18.84
CA THR A 181 -5.08 -1.09 19.43
C THR A 181 -3.86 -1.47 20.27
N ASP A 182 -2.74 -0.80 20.03
CA ASP A 182 -1.49 -1.11 20.73
C ASP A 182 -1.28 -0.19 21.92
N HIS A 183 -1.75 -0.62 23.09
CA HIS A 183 -1.71 0.22 24.28
C HIS A 183 -0.31 0.41 24.85
N LYS A 184 0.66 -0.31 24.29
CA LYS A 184 2.05 -0.13 24.68
C LYS A 184 2.58 1.20 24.16
N ARG A 185 2.02 1.66 23.05
CA ARG A 185 2.43 2.93 22.44
C ARG A 185 1.40 4.02 22.68
N GLY A 186 0.13 3.65 22.60
CA GLY A 186 -0.95 4.61 22.78
C GLY A 186 -2.15 4.33 21.91
N PRO A 187 -3.26 5.05 22.14
CA PRO A 187 -4.52 4.84 21.41
C PRO A 187 -4.42 5.19 19.92
N GLY A 188 -3.40 5.94 19.54
CA GLY A 188 -3.23 6.32 18.14
C GLY A 188 -2.45 5.29 17.34
N PHE A 189 -2.09 4.19 18.00
CA PHE A 189 -1.28 3.15 17.37
C PHE A 189 -2.03 1.83 17.25
N THR A 190 -1.64 1.02 16.25
CA THR A 190 -2.28 -0.26 16.02
C THR A 190 -1.27 -1.39 15.87
N ARG A 191 -1.72 -2.61 16.17
CA ARG A 191 -0.91 -3.81 16.00
C ARG A 191 -1.25 -4.50 14.69
N GLY A 192 -2.34 -4.05 14.06
CA GLY A 192 -2.79 -4.62 12.81
C GLY A 192 -2.18 -3.89 11.63
N LEU A 193 -0.96 -4.28 11.26
CA LEU A 193 -0.24 -3.62 10.18
C LEU A 193 -0.81 -3.97 8.82
N GLY A 194 -1.81 -4.84 8.80
CA GLY A 194 -2.46 -5.21 7.56
C GLY A 194 -3.51 -4.19 7.19
N HIS A 195 -3.98 -3.46 8.19
CA HIS A 195 -4.96 -2.38 8.02
C HIS A 195 -6.15 -2.79 7.16
N GLY A 196 -6.78 -3.90 7.51
CA GLY A 196 -7.94 -4.35 6.76
C GLY A 196 -8.28 -5.81 6.99
N VAL A 197 -8.98 -6.39 6.04
CA VAL A 197 -9.45 -7.77 6.17
C VAL A 197 -8.39 -8.75 5.69
N ASP A 198 -7.48 -9.11 6.57
CA ASP A 198 -6.44 -10.09 6.25
C ASP A 198 -6.63 -11.37 7.05
N LEU A 199 -7.65 -11.38 7.90
CA LEU A 199 -7.98 -12.53 8.75
C LEU A 199 -6.81 -12.91 9.67
N ASN A 200 -6.12 -11.89 10.18
CA ASN A 200 -5.03 -12.12 11.11
C ASN A 200 -5.54 -12.59 12.47
N HIS A 201 -6.83 -12.38 12.72
CA HIS A 201 -7.43 -12.82 13.97
C HIS A 201 -7.71 -14.31 13.94
N ILE A 202 -7.51 -14.93 12.78
CA ILE A 202 -7.66 -16.37 12.64
C ILE A 202 -6.31 -17.03 12.42
N TYR A 203 -5.43 -16.36 11.67
CA TYR A 203 -4.17 -16.95 11.26
C TYR A 203 -2.96 -16.39 12.02
N GLY A 204 -3.12 -15.22 12.61
CA GLY A 204 -2.02 -14.61 13.35
C GLY A 204 -1.41 -13.44 12.61
N GLU A 205 -0.97 -12.44 13.35
CA GLU A 205 -0.37 -11.25 12.75
C GLU A 205 1.00 -11.54 12.18
N THR A 206 1.79 -12.33 12.91
CA THR A 206 3.14 -12.65 12.48
C THR A 206 3.26 -14.06 11.91
N LEU A 207 4.23 -14.25 11.03
CA LEU A 207 4.49 -15.54 10.41
C LEU A 207 4.93 -16.58 11.43
N ASP A 208 5.55 -16.12 12.51
CA ASP A 208 6.00 -17.00 13.57
C ASP A 208 4.80 -17.52 14.35
N ARG A 209 3.80 -16.66 14.56
CA ARG A 209 2.58 -17.05 15.24
C ARG A 209 1.73 -17.97 14.37
N GLN A 210 1.75 -17.73 13.07
CA GLN A 210 1.01 -18.53 12.11
C GLN A 210 1.49 -19.97 12.06
N HIS A 211 2.81 -20.15 12.02
CA HIS A 211 3.42 -21.47 11.91
C HIS A 211 3.20 -22.31 13.15
N LYS A 212 2.96 -21.66 14.28
CA LYS A 212 2.64 -22.37 15.51
C LYS A 212 1.19 -22.86 15.46
N LEU A 213 0.36 -22.14 14.72
CA LEU A 213 -1.07 -22.45 14.63
C LEU A 213 -1.37 -23.43 13.51
N ARG A 214 -0.43 -23.62 12.60
CA ARG A 214 -0.64 -24.51 11.48
C ARG A 214 -0.27 -25.95 11.81
N LEU A 215 -0.86 -26.88 11.05
CA LEU A 215 -0.59 -28.30 11.23
C LEU A 215 0.49 -28.76 10.25
N PHE A 216 0.63 -28.02 9.15
CA PHE A 216 1.55 -28.35 8.07
C PHE A 216 1.24 -29.72 7.46
N LYS A 217 -0.05 -30.04 7.41
CA LYS A 217 -0.54 -31.19 6.67
C LYS A 217 -1.86 -30.85 6.03
N ASP A 218 -1.93 -31.00 4.70
CA ASP A 218 -3.13 -30.70 3.93
C ASP A 218 -3.53 -29.23 3.99
N GLY A 219 -2.65 -28.39 4.52
CA GLY A 219 -2.90 -26.97 4.61
C GLY A 219 -3.73 -26.54 5.81
N LYS A 220 -4.05 -27.48 6.67
CA LYS A 220 -4.99 -27.22 7.77
C LYS A 220 -4.36 -26.47 8.94
N LEU A 221 -5.21 -26.07 9.89
CA LEU A 221 -4.76 -25.48 11.13
C LEU A 221 -4.80 -26.53 12.24
N LYS A 222 -3.91 -26.40 13.23
CA LYS A 222 -3.93 -27.30 14.36
C LYS A 222 -5.26 -27.23 15.07
N TYR A 223 -5.69 -28.36 15.62
CA TYR A 223 -6.95 -28.43 16.32
C TYR A 223 -6.93 -29.58 17.33
N GLN A 224 -7.91 -29.60 18.22
CA GLN A 224 -8.10 -30.72 19.12
C GLN A 224 -9.54 -31.20 19.03
N VAL A 225 -9.79 -32.39 19.55
CA VAL A 225 -11.14 -32.95 19.50
C VAL A 225 -11.63 -33.29 20.91
N ILE A 226 -12.66 -32.58 21.35
CA ILE A 226 -13.22 -32.81 22.68
C ILE A 226 -14.68 -33.20 22.57
N GLY A 227 -14.98 -34.44 22.96
CA GLY A 227 -16.32 -34.97 22.87
C GLY A 227 -16.79 -35.10 21.43
N GLY A 228 -15.88 -35.47 20.55
CA GLY A 228 -16.18 -35.62 19.13
C GLY A 228 -16.40 -34.29 18.44
N GLU A 229 -15.99 -33.21 19.11
CA GLU A 229 -16.17 -31.86 18.60
C GLU A 229 -14.83 -31.18 18.33
N VAL A 230 -14.73 -30.49 17.20
CA VAL A 230 -13.48 -29.84 16.83
C VAL A 230 -13.36 -28.44 17.43
N TYR A 231 -12.35 -28.28 18.28
CA TYR A 231 -12.07 -27.00 18.91
C TYR A 231 -10.63 -26.58 18.61
N PRO A 232 -10.33 -25.28 18.73
CA PRO A 232 -8.96 -24.78 18.53
C PRO A 232 -7.95 -25.46 19.46
N PRO A 233 -6.67 -25.45 19.10
CA PRO A 233 -5.63 -26.09 19.92
C PRO A 233 -5.38 -25.32 21.21
N THR A 234 -4.42 -25.76 22.01
CA THR A 234 -4.16 -25.10 23.27
C THR A 234 -2.90 -24.24 23.22
N VAL A 235 -2.74 -23.42 24.26
CA VAL A 235 -1.54 -22.60 24.41
C VAL A 235 -0.34 -23.50 24.62
N LYS A 236 -0.55 -24.58 25.36
CA LYS A 236 0.52 -25.51 25.70
C LYS A 236 1.09 -26.23 24.48
N ASP A 237 0.21 -26.67 23.59
CA ASP A 237 0.63 -27.46 22.44
C ASP A 237 1.26 -26.62 21.34
N THR A 238 0.69 -25.45 21.08
CA THR A 238 1.17 -24.60 20.01
C THR A 238 2.23 -23.61 20.47
N GLN A 239 2.30 -23.40 21.80
CA GLN A 239 3.18 -22.38 22.38
C GLN A 239 2.84 -21.01 21.83
N VAL A 240 1.55 -20.76 21.65
CA VAL A 240 1.06 -19.47 21.20
C VAL A 240 0.63 -18.63 22.41
N GLU A 241 1.20 -17.43 22.53
CA GLU A 241 0.87 -16.55 23.64
C GLU A 241 -0.55 -16.01 23.53
N MET A 242 -1.35 -16.28 24.56
CA MET A 242 -2.72 -15.78 24.63
C MET A 242 -2.93 -15.01 25.92
N ILE A 243 -4.06 -14.33 26.02
CA ILE A 243 -4.38 -13.56 27.21
C ILE A 243 -5.39 -14.32 28.06
N TYR A 244 -4.92 -14.89 29.17
CA TYR A 244 -5.78 -15.64 30.08
C TYR A 244 -5.40 -15.38 31.53
N PRO A 245 -6.41 -15.32 32.41
CA PRO A 245 -6.16 -15.28 33.85
C PRO A 245 -5.50 -16.59 34.29
N PRO A 246 -4.59 -16.51 35.27
CA PRO A 246 -3.82 -17.68 35.73
C PRO A 246 -4.70 -18.85 36.19
N HIS A 247 -5.93 -18.57 36.60
CA HIS A 247 -6.79 -19.60 37.16
C HIS A 247 -7.56 -20.38 36.11
N ILE A 248 -7.17 -20.26 34.86
CA ILE A 248 -7.87 -20.95 33.77
C ILE A 248 -7.22 -22.30 33.45
N PRO A 249 -8.02 -23.38 33.46
CA PRO A 249 -7.58 -24.73 33.13
C PRO A 249 -6.80 -24.80 31.83
N GLU A 250 -5.82 -25.70 31.76
CA GLU A 250 -4.92 -25.77 30.62
C GLU A 250 -5.64 -26.04 29.31
N ASN A 251 -6.60 -26.96 29.34
CA ASN A 251 -7.28 -27.37 28.11
C ASN A 251 -8.34 -26.37 27.68
N LEU A 252 -8.60 -25.38 28.53
CA LEU A 252 -9.56 -24.33 28.21
C LEU A 252 -8.85 -23.05 27.77
N GLN A 253 -7.53 -23.11 27.73
CA GLN A 253 -6.74 -22.01 27.18
C GLN A 253 -6.54 -22.22 25.69
N PHE A 254 -7.54 -21.83 24.91
CA PHE A 254 -7.50 -22.02 23.45
C PHE A 254 -6.59 -20.99 22.79
N ALA A 255 -5.96 -21.40 21.70
CA ALA A 255 -5.06 -20.51 20.96
C ALA A 255 -5.60 -20.23 19.56
N VAL A 256 -5.72 -18.96 19.23
CA VAL A 256 -6.21 -18.55 17.92
C VAL A 256 -5.34 -17.42 17.37
N GLY A 257 -5.79 -16.81 16.28
CA GLY A 257 -5.05 -15.71 15.67
C GLY A 257 -4.94 -14.49 16.57
N GLN A 258 -6.06 -14.07 17.14
CA GLN A 258 -6.10 -12.89 18.00
C GLN A 258 -5.92 -13.26 19.47
N GLU A 259 -4.97 -12.61 20.12
CA GLU A 259 -4.60 -12.92 21.50
C GLU A 259 -5.72 -12.70 22.50
N VAL A 260 -6.70 -11.87 22.15
CA VAL A 260 -7.71 -11.47 23.11
C VAL A 260 -9.05 -12.20 22.94
N PHE A 261 -9.08 -13.20 22.05
CA PHE A 261 -10.34 -13.87 21.75
C PHE A 261 -10.71 -14.92 22.79
N GLY A 262 -9.87 -15.10 23.80
CA GLY A 262 -10.18 -15.98 24.90
C GLY A 262 -11.03 -15.26 25.93
N LEU A 263 -11.11 -13.94 25.77
CA LEU A 263 -11.88 -13.08 26.66
C LEU A 263 -13.34 -13.48 26.73
N VAL A 264 -13.96 -13.70 25.57
CA VAL A 264 -15.38 -13.97 25.49
C VAL A 264 -15.66 -15.29 24.79
N PRO A 265 -16.55 -16.12 25.35
CA PRO A 265 -16.97 -17.38 24.71
C PRO A 265 -17.63 -17.15 23.35
N GLY A 266 -18.27 -16.00 23.19
CA GLY A 266 -18.90 -15.66 21.92
C GLY A 266 -17.89 -15.45 20.81
N LEU A 267 -16.71 -14.94 21.18
CA LEU A 267 -15.64 -14.75 20.22
C LEU A 267 -15.00 -16.10 19.87
N MET A 268 -14.77 -16.92 20.90
CA MET A 268 -14.25 -18.26 20.69
C MET A 268 -15.21 -19.09 19.85
N MET A 269 -16.50 -18.77 19.93
CA MET A 269 -17.50 -19.42 19.10
C MET A 269 -17.18 -19.20 17.63
N TYR A 270 -16.95 -17.94 17.27
CA TYR A 270 -16.61 -17.59 15.90
C TYR A 270 -15.21 -18.04 15.54
N ALA A 271 -14.31 -17.98 16.51
CA ALA A 271 -12.95 -18.46 16.32
C ALA A 271 -12.93 -19.95 15.98
N THR A 272 -13.90 -20.67 16.54
CA THR A 272 -14.01 -22.11 16.29
C THR A 272 -14.68 -22.39 14.95
N ILE A 273 -15.69 -21.60 14.62
CA ILE A 273 -16.43 -21.77 13.37
C ILE A 273 -15.52 -21.57 12.17
N TRP A 274 -14.74 -20.50 12.19
CA TRP A 274 -13.85 -20.16 11.09
C TRP A 274 -12.70 -21.15 10.95
N LEU A 275 -12.26 -21.71 12.07
CA LEU A 275 -11.21 -22.73 12.04
C LEU A 275 -11.71 -23.96 11.30
N ARG A 276 -12.96 -24.33 11.54
CA ARG A 276 -13.58 -25.45 10.85
C ARG A 276 -13.76 -25.16 9.37
N GLU A 277 -14.16 -23.93 9.06
CA GLU A 277 -14.36 -23.51 7.68
C GLU A 277 -13.06 -23.58 6.90
N HIS A 278 -11.96 -23.25 7.55
CA HIS A 278 -10.65 -23.31 6.90
C HIS A 278 -10.29 -24.75 6.53
N ASN A 279 -10.40 -25.64 7.52
CA ASN A 279 -10.08 -27.04 7.30
C ASN A 279 -11.06 -27.69 6.34
N ARG A 280 -12.28 -27.17 6.31
CA ARG A 280 -13.29 -27.64 5.37
C ARG A 280 -12.89 -27.30 3.95
N VAL A 281 -12.44 -26.06 3.75
CA VAL A 281 -12.00 -25.60 2.44
C VAL A 281 -10.75 -26.35 1.99
N CYS A 282 -9.87 -26.64 2.94
CA CYS A 282 -8.70 -27.47 2.68
C CYS A 282 -9.11 -28.82 2.09
N ASP A 283 -10.10 -29.46 2.71
CA ASP A 283 -10.61 -30.74 2.25
C ASP A 283 -11.12 -30.66 0.81
N ILE A 284 -11.86 -29.58 0.53
CA ILE A 284 -12.44 -29.39 -0.79
C ILE A 284 -11.36 -29.17 -1.84
N LEU A 285 -10.34 -28.40 -1.49
CA LEU A 285 -9.25 -28.10 -2.40
C LEU A 285 -8.34 -29.31 -2.63
N LYS A 286 -8.14 -30.09 -1.59
CA LYS A 286 -7.32 -31.30 -1.70
C LYS A 286 -7.98 -32.30 -2.64
N GLN A 287 -9.31 -32.32 -2.62
CA GLN A 287 -10.08 -33.17 -3.52
C GLN A 287 -9.92 -32.68 -4.97
N GLU A 288 -9.92 -31.37 -5.14
CA GLU A 288 -9.78 -30.77 -6.47
C GLU A 288 -8.34 -30.78 -6.96
N HIS A 289 -7.40 -30.65 -6.03
CA HIS A 289 -5.99 -30.61 -6.38
C HIS A 289 -5.18 -31.57 -5.53
N PRO A 290 -5.18 -32.86 -5.89
CA PRO A 290 -4.38 -33.85 -5.17
C PRO A 290 -2.88 -33.64 -5.38
N GLU A 291 -2.52 -32.83 -6.37
CA GLU A 291 -1.13 -32.57 -6.67
C GLU A 291 -0.54 -31.46 -5.79
N TRP A 292 -1.41 -30.59 -5.27
CA TRP A 292 -0.95 -29.47 -4.45
C TRP A 292 -0.32 -29.93 -3.14
N GLY A 293 0.60 -29.14 -2.62
CA GLY A 293 1.23 -29.41 -1.35
C GLY A 293 0.56 -28.63 -0.23
N ASP A 294 1.04 -28.82 0.99
CA ASP A 294 0.47 -28.20 2.17
C ASP A 294 0.41 -26.68 2.11
N GLU A 295 1.51 -26.05 1.70
CA GLU A 295 1.61 -24.60 1.71
C GLU A 295 0.61 -23.92 0.78
N GLN A 296 0.38 -24.51 -0.38
CA GLN A 296 -0.54 -23.92 -1.35
C GLN A 296 -1.98 -24.14 -0.94
N LEU A 297 -2.25 -25.28 -0.32
CA LEU A 297 -3.59 -25.57 0.20
C LEU A 297 -3.96 -24.59 1.30
N PHE A 298 -2.96 -24.17 2.08
CA PHE A 298 -3.19 -23.22 3.15
C PHE A 298 -3.46 -21.82 2.61
N GLN A 299 -2.53 -21.33 1.78
CA GLN A 299 -2.59 -19.99 1.25
C GLN A 299 -3.86 -19.75 0.43
N THR A 300 -4.20 -20.73 -0.39
CA THR A 300 -5.38 -20.62 -1.23
C THR A 300 -6.65 -20.57 -0.38
N SER A 301 -6.68 -21.38 0.67
CA SER A 301 -7.82 -21.41 1.57
C SER A 301 -7.99 -20.08 2.30
N ARG A 302 -6.88 -19.44 2.63
CA ARG A 302 -6.93 -18.16 3.34
C ARG A 302 -7.54 -17.09 2.46
N LEU A 303 -7.17 -17.07 1.19
CA LEU A 303 -7.74 -16.13 0.24
C LEU A 303 -9.22 -16.39 0.04
N ILE A 304 -9.61 -17.67 0.10
CA ILE A 304 -11.01 -18.05 -0.04
C ILE A 304 -11.82 -17.55 1.15
N LEU A 305 -11.33 -17.79 2.35
CA LEU A 305 -12.02 -17.35 3.57
C LEU A 305 -12.06 -15.83 3.68
N ILE A 306 -11.05 -15.17 3.13
CA ILE A 306 -11.06 -13.71 3.08
C ILE A 306 -12.20 -13.25 2.21
N GLY A 307 -12.35 -13.88 1.05
CA GLY A 307 -13.45 -13.60 0.15
C GLY A 307 -14.80 -13.89 0.79
N GLU A 308 -14.87 -14.96 1.58
CA GLU A 308 -16.07 -15.30 2.31
C GLU A 308 -16.44 -14.22 3.31
N THR A 309 -15.43 -13.77 4.06
CA THR A 309 -15.65 -12.75 5.07
C THR A 309 -16.17 -11.47 4.45
N ILE A 310 -15.56 -11.05 3.34
CA ILE A 310 -16.01 -9.85 2.65
C ILE A 310 -17.40 -10.05 2.05
N LYS A 311 -17.63 -11.24 1.49
CA LYS A 311 -18.94 -11.61 0.96
C LYS A 311 -20.04 -11.51 2.01
N ILE A 312 -19.81 -12.15 3.14
CA ILE A 312 -20.81 -12.20 4.21
C ILE A 312 -21.06 -10.82 4.80
N VAL A 313 -19.97 -10.11 5.12
CA VAL A 313 -20.07 -8.77 5.72
C VAL A 313 -20.96 -7.83 4.91
N ILE A 314 -20.77 -7.80 3.60
CA ILE A 314 -21.56 -6.92 2.75
C ILE A 314 -23.03 -7.36 2.65
N GLU A 315 -23.24 -8.61 2.28
CA GLU A 315 -24.57 -9.08 1.92
C GLU A 315 -25.39 -9.58 3.10
N ASP A 316 -24.78 -9.66 4.28
CA ASP A 316 -25.51 -10.06 5.48
C ASP A 316 -25.37 -9.04 6.60
N TYR A 317 -24.13 -8.82 7.01
CA TYR A 317 -23.80 -7.94 8.12
C TYR A 317 -24.22 -6.50 7.85
N VAL A 318 -23.70 -5.91 6.78
CA VAL A 318 -24.03 -4.53 6.43
C VAL A 318 -25.48 -4.41 5.96
N GLN A 319 -25.97 -5.44 5.28
CA GLN A 319 -27.35 -5.48 4.79
C GLN A 319 -28.35 -5.36 5.94
N HIS A 320 -28.05 -6.04 7.04
CA HIS A 320 -28.91 -6.00 8.22
C HIS A 320 -28.87 -4.62 8.87
N LEU A 321 -27.67 -4.05 8.93
CA LEU A 321 -27.47 -2.72 9.50
C LEU A 321 -28.21 -1.65 8.71
N SER A 322 -28.13 -1.76 7.39
CA SER A 322 -28.69 -0.77 6.49
C SER A 322 -30.18 -0.63 6.66
N GLY A 323 -30.87 -1.78 6.74
CA GLY A 323 -32.31 -1.79 6.81
C GLY A 323 -32.93 -1.43 5.48
N TYR A 324 -32.13 -1.50 4.43
CA TYR A 324 -32.59 -1.17 3.08
C TYR A 324 -33.42 -2.31 2.52
N HIS A 325 -34.29 -2.00 1.56
CA HIS A 325 -35.00 -3.03 0.83
C HIS A 325 -34.14 -3.49 -0.34
N PHE A 326 -33.18 -2.66 -0.71
CA PHE A 326 -32.25 -3.01 -1.78
C PHE A 326 -31.26 -4.06 -1.31
N LYS A 327 -31.07 -5.09 -2.13
CA LYS A 327 -30.12 -6.14 -1.83
C LYS A 327 -28.71 -5.73 -2.20
N LEU A 328 -27.89 -5.44 -1.21
CA LEU A 328 -26.49 -5.15 -1.44
C LEU A 328 -25.83 -6.35 -2.11
N LYS A 329 -24.89 -6.08 -3.01
CA LYS A 329 -24.23 -7.13 -3.75
C LYS A 329 -22.71 -7.01 -3.64
N PHE A 330 -22.04 -8.14 -3.47
CA PHE A 330 -20.59 -8.16 -3.50
C PHE A 330 -20.09 -8.60 -4.86
N ASP A 331 -19.74 -7.62 -5.69
CA ASP A 331 -19.18 -7.89 -7.01
C ASP A 331 -18.12 -6.85 -7.36
N PRO A 332 -16.84 -7.22 -7.19
CA PRO A 332 -15.69 -6.37 -7.52
C PRO A 332 -15.69 -5.83 -8.95
N GLU A 333 -16.38 -6.52 -9.86
CA GLU A 333 -16.48 -6.09 -11.26
C GLU A 333 -17.02 -4.67 -11.40
N LEU A 334 -17.81 -4.23 -10.43
CA LEU A 334 -18.48 -2.94 -10.51
C LEU A 334 -17.53 -1.77 -10.25
N LEU A 335 -16.25 -2.06 -10.06
CA LEU A 335 -15.26 -1.03 -9.81
C LEU A 335 -14.13 -1.06 -10.83
N PHE A 336 -14.14 -2.06 -11.70
CA PHE A 336 -13.06 -2.22 -12.68
C PHE A 336 -13.02 -1.10 -13.70
N ASN A 337 -14.16 -0.47 -13.97
CA ASN A 337 -14.21 0.66 -14.87
C ASN A 337 -14.33 1.98 -14.12
N GLN A 338 -14.01 1.94 -12.83
CA GLN A 338 -14.10 3.11 -11.97
C GLN A 338 -12.74 3.48 -11.40
N GLN A 339 -12.65 4.70 -10.86
CA GLN A 339 -11.42 5.13 -10.20
C GLN A 339 -11.48 4.75 -8.73
N PHE A 340 -10.59 3.85 -8.32
CA PHE A 340 -10.61 3.32 -6.97
C PHE A 340 -9.25 2.76 -6.56
N GLN A 341 -8.77 3.17 -5.39
CA GLN A 341 -7.49 2.71 -4.87
C GLN A 341 -7.63 1.40 -4.10
N TYR A 342 -6.92 0.37 -4.56
CA TYR A 342 -6.95 -0.93 -3.89
C TYR A 342 -5.97 -0.96 -2.73
N GLN A 343 -6.21 -0.10 -1.75
CA GLN A 343 -5.41 0.00 -0.54
C GLN A 343 -6.28 0.58 0.55
N ASN A 344 -5.84 0.46 1.80
CA ASN A 344 -6.62 1.00 2.91
C ASN A 344 -5.76 1.26 4.14
N ARG A 345 -6.14 2.26 4.91
CA ARG A 345 -5.47 2.62 6.15
C ARG A 345 -6.51 2.89 7.23
N ILE A 346 -6.46 2.14 8.32
CA ILE A 346 -7.49 2.22 9.35
C ILE A 346 -7.48 3.56 10.10
N ALA A 347 -8.59 4.27 10.06
CA ALA A 347 -8.71 5.56 10.73
C ALA A 347 -8.99 5.38 12.22
N SER A 348 -8.44 6.27 13.03
CA SER A 348 -8.65 6.21 14.48
C SER A 348 -10.10 6.51 14.80
N GLU A 349 -10.74 7.32 13.96
CA GLU A 349 -12.13 7.68 14.13
C GLU A 349 -13.05 6.54 13.71
N PHE A 350 -12.56 5.69 12.83
CA PHE A 350 -13.31 4.50 12.41
C PHE A 350 -13.31 3.51 13.57
N ASN A 351 -12.19 3.45 14.27
CA ASN A 351 -12.07 2.66 15.48
C ASN A 351 -13.03 3.18 16.55
N THR A 352 -13.04 4.50 16.73
CA THR A 352 -13.78 5.11 17.81
C THR A 352 -15.29 4.94 17.67
N LEU A 353 -15.80 5.12 16.45
CA LEU A 353 -17.23 5.00 16.21
C LEU A 353 -17.71 3.56 16.36
N TYR A 354 -16.79 2.62 16.26
CA TYR A 354 -17.15 1.21 16.33
C TYR A 354 -17.19 0.69 17.76
N HIS A 355 -17.04 1.57 18.74
CA HIS A 355 -17.21 1.18 20.13
C HIS A 355 -18.69 1.06 20.46
N TRP A 356 -19.30 -0.02 19.99
CA TRP A 356 -20.72 -0.26 20.16
C TRP A 356 -21.01 -1.01 21.44
N HIS A 357 -20.55 -0.45 22.56
CA HIS A 357 -20.85 -0.99 23.87
C HIS A 357 -22.36 -1.17 24.15
N PRO A 358 -23.22 -0.23 23.71
CA PRO A 358 -24.65 -0.44 23.98
C PRO A 358 -25.25 -1.70 23.35
N LEU A 359 -24.57 -2.31 22.39
CA LEU A 359 -25.05 -3.57 21.81
C LEU A 359 -25.16 -4.67 22.86
N LEU A 360 -24.32 -4.60 23.88
CA LEU A 360 -24.25 -5.65 24.89
C LEU A 360 -25.50 -5.73 25.77
N PRO A 361 -25.96 -6.96 26.05
CA PRO A 361 -27.10 -7.20 26.94
C PRO A 361 -26.67 -7.23 28.40
N ASP A 362 -27.63 -7.32 29.33
CA ASP A 362 -27.31 -7.38 30.75
C ASP A 362 -26.86 -8.79 31.14
N THR A 363 -27.43 -9.79 30.47
CA THR A 363 -27.03 -11.17 30.66
C THR A 363 -26.91 -11.88 29.31
N PHE A 364 -26.28 -13.04 29.32
CA PHE A 364 -26.11 -13.82 28.11
C PHE A 364 -26.90 -15.11 28.19
N ASN A 365 -28.00 -15.16 27.45
CA ASN A 365 -28.93 -16.27 27.51
C ASN A 365 -28.53 -17.43 26.62
N ILE A 366 -28.03 -18.50 27.23
CA ILE A 366 -27.67 -19.71 26.50
C ILE A 366 -28.45 -20.89 27.06
N GLU A 367 -29.17 -21.59 26.19
CA GLU A 367 -30.05 -22.69 26.60
C GLU A 367 -31.04 -22.23 27.66
N ASP A 368 -30.82 -22.68 28.89
CA ASP A 368 -31.69 -22.34 30.00
C ASP A 368 -30.96 -21.50 31.03
N GLN A 369 -29.82 -20.95 30.64
CA GLN A 369 -28.99 -20.20 31.57
C GLN A 369 -28.96 -18.71 31.23
N GLU A 370 -28.59 -17.90 32.21
CA GLU A 370 -28.44 -16.47 32.02
C GLU A 370 -27.23 -15.98 32.79
N TYR A 371 -26.06 -16.03 32.15
CA TYR A 371 -24.81 -15.67 32.81
C TYR A 371 -24.63 -14.16 32.85
N SER A 372 -23.92 -13.70 33.87
CA SER A 372 -23.56 -12.29 33.97
C SER A 372 -22.16 -12.09 33.40
N PHE A 373 -21.73 -10.84 33.32
CA PHE A 373 -20.42 -10.51 32.78
C PHE A 373 -19.30 -11.16 33.58
N LYS A 374 -19.44 -11.15 34.91
CA LYS A 374 -18.45 -11.76 35.79
C LYS A 374 -18.33 -13.26 35.53
N GLN A 375 -19.44 -13.87 35.14
CA GLN A 375 -19.47 -15.30 34.87
C GLN A 375 -19.03 -15.60 33.43
N PHE A 376 -19.46 -14.75 32.51
CA PHE A 376 -19.25 -15.01 31.08
C PHE A 376 -17.79 -14.82 30.68
N LEU A 377 -17.12 -13.85 31.28
CA LEU A 377 -15.71 -13.57 30.94
C LEU A 377 -14.80 -14.76 31.17
N TYR A 378 -14.08 -15.15 30.12
CA TYR A 378 -13.06 -16.19 30.16
C TYR A 378 -13.60 -17.58 30.47
N ASN A 379 -14.93 -17.72 30.52
CA ASN A 379 -15.56 -19.01 30.73
C ASN A 379 -15.69 -19.79 29.43
N ASN A 380 -14.59 -20.36 28.95
CA ASN A 380 -14.66 -21.19 27.76
C ASN A 380 -15.36 -22.50 28.05
N SER A 381 -15.52 -22.82 29.33
CA SER A 381 -16.23 -24.02 29.74
C SER A 381 -17.70 -23.95 29.35
N ILE A 382 -18.23 -22.73 29.29
CA ILE A 382 -19.61 -22.51 28.86
C ILE A 382 -19.81 -22.97 27.43
N LEU A 383 -18.87 -22.59 26.57
CA LEU A 383 -18.92 -22.97 25.17
C LEU A 383 -18.90 -24.48 25.01
N LEU A 384 -18.14 -25.12 25.87
CA LEU A 384 -17.91 -26.54 25.82
C LEU A 384 -19.09 -27.31 26.35
N GLU A 385 -19.59 -26.87 27.50
CA GLU A 385 -20.73 -27.51 28.18
C GLU A 385 -21.99 -27.44 27.33
N HIS A 386 -22.19 -26.32 26.64
CA HIS A 386 -23.38 -26.11 25.85
C HIS A 386 -23.20 -26.56 24.39
N GLY A 387 -22.00 -26.38 23.85
CA GLY A 387 -21.73 -26.74 22.47
C GLY A 387 -22.08 -25.61 21.51
N LEU A 388 -21.51 -25.66 20.32
CA LEU A 388 -21.70 -24.59 19.34
C LEU A 388 -23.15 -24.51 18.86
N THR A 389 -23.78 -25.66 18.68
CA THR A 389 -25.15 -25.71 18.19
C THR A 389 -26.09 -24.92 19.10
N GLN A 390 -25.97 -25.15 20.40
CA GLN A 390 -26.83 -24.47 21.38
C GLN A 390 -26.44 -23.01 21.53
N PHE A 391 -25.20 -22.68 21.17
CA PHE A 391 -24.77 -21.29 21.17
C PHE A 391 -25.44 -20.53 20.04
N VAL A 392 -25.46 -21.13 18.86
CA VAL A 392 -26.07 -20.53 17.69
C VAL A 392 -27.57 -20.35 17.87
N GLU A 393 -28.24 -21.40 18.32
CA GLU A 393 -29.69 -21.38 18.50
C GLU A 393 -30.10 -20.33 19.53
N SER A 394 -29.32 -20.20 20.59
CA SER A 394 -29.64 -19.27 21.68
C SER A 394 -29.35 -17.82 21.30
N PHE A 395 -28.22 -17.59 20.67
CA PHE A 395 -27.80 -16.24 20.33
C PHE A 395 -28.53 -15.68 19.13
N THR A 396 -29.17 -16.55 18.36
CA THR A 396 -29.99 -16.10 17.25
C THR A 396 -31.29 -15.52 17.79
N ARG A 397 -31.74 -16.03 18.93
CA ARG A 397 -32.99 -15.59 19.52
C ARG A 397 -32.84 -14.36 20.41
N GLN A 398 -31.70 -14.23 21.08
CA GLN A 398 -31.51 -13.14 22.04
C GLN A 398 -31.31 -11.79 21.37
N ILE A 399 -32.05 -10.79 21.82
CA ILE A 399 -32.02 -9.45 21.24
C ILE A 399 -30.78 -8.68 21.72
N ALA A 400 -30.29 -7.76 20.89
CA ALA A 400 -29.18 -6.89 21.25
C ALA A 400 -29.64 -5.47 21.56
N GLY A 401 -28.80 -4.71 22.23
CA GLY A 401 -29.13 -3.36 22.63
C GLY A 401 -29.06 -2.34 21.50
N ARG A 402 -29.62 -1.17 21.74
CA ARG A 402 -29.62 -0.10 20.75
C ARG A 402 -28.41 0.80 20.94
N VAL A 403 -27.72 1.11 19.85
CA VAL A 403 -26.49 1.88 19.92
C VAL A 403 -26.75 3.38 20.14
N ALA A 404 -27.54 3.99 19.26
CA ALA A 404 -27.88 5.40 19.40
C ALA A 404 -29.01 5.61 20.41
N GLY A 405 -29.45 6.85 20.54
CA GLY A 405 -30.59 7.16 21.40
C GLY A 405 -30.22 7.57 22.81
N GLY A 406 -29.05 7.16 23.27
CA GLY A 406 -28.55 7.56 24.57
C GLY A 406 -28.89 6.60 25.68
N ARG A 407 -28.04 6.59 26.71
CA ARG A 407 -28.29 5.84 27.95
C ARG A 407 -28.56 4.37 27.72
N ASN A 408 -27.56 3.64 27.22
CA ASN A 408 -27.73 2.21 27.02
C ASN A 408 -26.41 1.45 27.11
N VAL A 409 -25.40 2.10 27.70
CA VAL A 409 -24.13 1.42 27.93
C VAL A 409 -24.16 0.67 29.26
N PRO A 410 -23.94 -0.65 29.21
CA PRO A 410 -23.94 -1.50 30.41
C PRO A 410 -22.96 -1.03 31.46
N ILE A 411 -23.35 -1.05 32.72
CA ILE A 411 -22.49 -0.57 33.80
C ILE A 411 -21.24 -1.44 33.92
N ALA A 412 -21.35 -2.69 33.46
CA ALA A 412 -20.24 -3.63 33.49
C ALA A 412 -19.07 -3.12 32.65
N VAL A 413 -19.37 -2.42 31.57
CA VAL A 413 -18.33 -1.88 30.70
C VAL A 413 -18.26 -0.35 30.78
N GLN A 414 -18.52 0.21 31.95
CA GLN A 414 -18.48 1.66 32.12
C GLN A 414 -17.05 2.17 32.02
N ALA A 415 -16.10 1.35 32.44
CA ALA A 415 -14.70 1.74 32.47
C ALA A 415 -14.14 1.79 31.05
N VAL A 416 -14.77 1.05 30.15
CA VAL A 416 -14.37 1.01 28.76
C VAL A 416 -14.98 2.18 27.99
N ALA A 417 -16.25 2.45 28.27
CA ALA A 417 -16.96 3.55 27.62
C ALA A 417 -16.36 4.90 28.00
N LYS A 418 -15.90 4.99 29.25
CA LYS A 418 -15.24 6.20 29.73
C LYS A 418 -13.87 6.34 29.10
N ALA A 419 -13.20 5.21 28.88
CA ALA A 419 -11.87 5.19 28.29
C ALA A 419 -11.91 5.70 26.86
N SER A 420 -13.02 5.46 26.17
CA SER A 420 -13.18 5.92 24.81
C SER A 420 -13.28 7.45 24.78
N ILE A 421 -13.90 8.02 25.80
CA ILE A 421 -14.00 9.47 25.90
C ILE A 421 -12.64 10.08 26.18
N ASP A 422 -11.94 9.52 27.16
CA ASP A 422 -10.63 10.04 27.56
C ASP A 422 -9.59 9.96 26.44
N GLN A 423 -9.52 8.82 25.77
CA GLN A 423 -8.54 8.60 24.73
C GLN A 423 -8.83 9.44 23.49
N SER A 424 -10.11 9.77 23.30
CA SER A 424 -10.50 10.68 22.22
C SER A 424 -9.94 12.07 22.49
N ARG A 425 -9.81 12.40 23.77
CA ARG A 425 -9.25 13.68 24.20
C ARG A 425 -7.73 13.64 24.22
N GLU A 426 -7.17 12.46 24.45
CA GLU A 426 -5.72 12.29 24.41
C GLU A 426 -5.22 12.47 22.98
N MET A 427 -5.94 11.88 22.03
CA MET A 427 -5.59 11.97 20.62
C MET A 427 -6.08 13.30 20.03
N LYS A 428 -6.66 14.12 20.89
CA LYS A 428 -7.06 15.48 20.54
C LYS A 428 -7.95 15.53 19.31
N TYR A 429 -9.07 14.82 19.37
CA TYR A 429 -10.05 14.83 18.31
C TYR A 429 -10.67 16.21 18.15
N GLN A 430 -11.06 16.54 16.93
CA GLN A 430 -11.83 17.75 16.71
C GLN A 430 -13.29 17.44 17.06
N SER A 431 -14.12 18.48 17.11
CA SER A 431 -15.47 18.35 17.63
C SER A 431 -16.39 17.54 16.73
N LEU A 432 -17.61 17.32 17.21
CA LEU A 432 -18.64 16.63 16.47
C LEU A 432 -18.98 17.32 15.16
N ASN A 433 -19.24 18.62 15.23
CA ASN A 433 -19.64 19.38 14.05
C ASN A 433 -18.51 19.54 13.04
N GLU A 434 -17.28 19.33 13.49
CA GLU A 434 -16.13 19.38 12.59
C GLU A 434 -16.06 18.11 11.76
N TYR A 435 -16.49 16.98 12.34
CA TYR A 435 -16.51 15.72 11.62
C TYR A 435 -17.75 15.62 10.74
N ARG A 436 -18.79 16.36 11.09
CA ARG A 436 -19.98 16.41 10.24
C ARG A 436 -19.66 17.18 8.97
N LYS A 437 -19.01 18.33 9.12
CA LYS A 437 -18.63 19.15 7.97
C LYS A 437 -17.63 18.41 7.09
N ARG A 438 -16.73 17.65 7.72
CA ARG A 438 -15.75 16.84 7.02
C ARG A 438 -16.41 15.80 6.10
N PHE A 439 -17.56 15.30 6.53
CA PHE A 439 -18.31 14.32 5.74
C PHE A 439 -19.58 14.91 5.15
N SER A 440 -19.52 16.19 4.81
CA SER A 440 -20.58 16.89 4.09
C SER A 440 -21.92 16.83 4.81
N LEU A 441 -21.92 17.08 6.11
CA LEU A 441 -23.14 17.11 6.87
C LEU A 441 -23.35 18.49 7.49
N LYS A 442 -24.61 18.87 7.67
CA LYS A 442 -24.94 20.12 8.32
C LYS A 442 -24.60 20.03 9.80
N PRO A 443 -23.88 21.05 10.32
CA PRO A 443 -23.56 21.09 11.76
C PRO A 443 -24.82 21.22 12.61
N TYR A 444 -24.83 20.54 13.75
CA TYR A 444 -25.95 20.64 14.69
C TYR A 444 -25.98 22.02 15.34
N THR A 445 -27.14 22.67 15.28
CA THR A 445 -27.30 24.03 15.77
C THR A 445 -27.77 24.07 17.22
N SER A 446 -28.14 22.90 17.76
CA SER A 446 -28.55 22.81 19.16
C SER A 446 -28.41 21.38 19.65
N PHE A 447 -28.26 21.22 20.96
CA PHE A 447 -28.19 19.90 21.56
C PHE A 447 -29.52 19.16 21.42
N GLU A 448 -30.61 19.92 21.28
CA GLU A 448 -31.93 19.32 21.11
C GLU A 448 -32.11 18.83 19.68
N GLU A 449 -31.35 19.38 18.75
CA GLU A 449 -31.37 18.88 17.37
C GLU A 449 -30.60 17.58 17.30
N LEU A 450 -29.56 17.48 18.12
CA LEU A 450 -28.70 16.29 18.17
C LEU A 450 -29.47 15.07 18.66
N THR A 451 -30.10 15.20 19.81
CA THR A 451 -30.76 14.06 20.46
C THR A 451 -32.23 13.95 20.07
N GLY A 452 -32.78 15.03 19.52
CA GLY A 452 -34.19 15.07 19.16
C GLY A 452 -35.08 14.95 20.38
N GLU A 453 -34.55 15.35 21.52
CA GLU A 453 -35.19 15.12 22.81
C GLU A 453 -34.73 16.22 23.78
N LYS A 454 -35.51 16.49 24.83
CA LYS A 454 -35.22 17.64 25.69
C LYS A 454 -34.37 17.33 26.93
N GLU A 455 -34.45 16.10 27.42
CA GLU A 455 -33.83 15.79 28.71
C GLU A 455 -32.30 15.67 28.68
N MET A 456 -31.78 14.78 27.83
CA MET A 456 -30.34 14.62 27.69
C MET A 456 -29.70 15.85 27.08
N ALA A 457 -30.44 16.52 26.19
CA ALA A 457 -29.95 17.73 25.55
C ALA A 457 -29.74 18.85 26.58
N ALA A 458 -30.59 18.86 27.60
CA ALA A 458 -30.47 19.82 28.69
C ALA A 458 -29.22 19.56 29.51
N GLU A 459 -28.99 18.29 29.83
CA GLU A 459 -27.81 17.90 30.59
C GLU A 459 -26.53 18.15 29.81
N LEU A 460 -26.56 17.83 28.51
CA LEU A 460 -25.40 18.03 27.65
C LEU A 460 -25.03 19.50 27.55
N LYS A 461 -26.04 20.37 27.45
CA LYS A 461 -25.80 21.81 27.33
C LYS A 461 -25.14 22.37 28.59
N ALA A 462 -25.56 21.87 29.74
CA ALA A 462 -24.98 22.33 31.01
C ALA A 462 -23.54 21.89 31.14
N LEU A 463 -23.19 20.81 30.44
CA LEU A 463 -21.84 20.25 30.50
C LEU A 463 -20.88 20.90 29.49
N TYR A 464 -21.39 21.19 28.30
CA TYR A 464 -20.55 21.63 27.18
C TYR A 464 -20.73 23.10 26.80
N SER A 465 -21.84 23.70 27.22
CA SER A 465 -22.22 25.06 26.84
C SER A 465 -22.47 25.20 25.34
N ASP A 466 -21.45 24.97 24.52
CA ASP A 466 -21.57 25.15 23.08
C ASP A 466 -21.79 23.82 22.35
N ILE A 467 -22.67 23.83 21.36
CA ILE A 467 -22.92 22.65 20.55
C ILE A 467 -21.73 22.37 19.64
N ASP A 468 -20.96 23.42 19.35
CA ASP A 468 -19.82 23.32 18.45
C ASP A 468 -18.59 22.73 19.12
N VAL A 469 -18.70 22.40 20.41
CA VAL A 469 -17.61 21.75 21.12
C VAL A 469 -18.04 20.42 21.70
N MET A 470 -19.19 19.91 21.26
CA MET A 470 -19.64 18.58 21.64
C MET A 470 -18.66 17.57 21.07
N GLU A 471 -18.36 16.52 21.84
CA GLU A 471 -17.40 15.50 21.43
C GLU A 471 -18.03 14.47 20.50
N LEU A 472 -17.18 13.75 19.78
CA LEU A 472 -17.65 12.81 18.76
C LEU A 472 -18.29 11.55 19.34
N TYR A 473 -17.53 10.82 20.16
CA TYR A 473 -17.98 9.51 20.64
C TYR A 473 -19.27 9.55 21.46
N PRO A 474 -19.38 10.46 22.45
CA PRO A 474 -20.65 10.44 23.20
C PRO A 474 -21.83 10.88 22.32
N ALA A 475 -21.58 11.77 21.37
CA ALA A 475 -22.63 12.25 20.49
C ALA A 475 -23.19 11.12 19.64
N LEU A 476 -22.34 10.18 19.26
CA LEU A 476 -22.75 9.05 18.44
C LEU A 476 -23.72 8.13 19.20
N LEU A 477 -23.55 8.07 20.51
CA LEU A 477 -24.37 7.19 21.33
C LEU A 477 -25.64 7.87 21.82
N VAL A 478 -25.66 9.19 21.83
CA VAL A 478 -26.83 9.93 22.28
C VAL A 478 -27.60 10.55 21.12
N GLU A 479 -27.12 10.37 19.90
CA GLU A 479 -27.75 10.98 18.73
C GLU A 479 -29.13 10.38 18.49
N LYS A 480 -30.04 11.23 18.03
CA LYS A 480 -31.38 10.78 17.66
C LYS A 480 -31.29 9.74 16.56
N PRO A 481 -31.72 8.50 16.85
CA PRO A 481 -31.70 7.42 15.87
C PRO A 481 -32.58 7.73 14.67
N ARG A 482 -32.20 7.23 13.51
CA ARG A 482 -33.04 7.29 12.34
C ARG A 482 -34.30 6.46 12.63
N PRO A 483 -35.41 6.74 11.91
CA PRO A 483 -36.71 6.11 12.19
C PRO A 483 -36.65 4.59 12.36
N ASP A 484 -36.81 4.13 13.61
CA ASP A 484 -36.79 2.71 13.94
C ASP A 484 -35.47 2.05 13.57
N ALA A 485 -34.40 2.83 13.56
CA ALA A 485 -33.08 2.33 13.22
C ALA A 485 -32.20 2.20 14.45
N ILE A 486 -31.00 1.67 14.26
CA ILE A 486 -30.08 1.44 15.37
C ILE A 486 -29.08 2.58 15.53
N PHE A 487 -28.84 3.31 14.44
CA PHE A 487 -27.87 4.40 14.45
C PHE A 487 -28.54 5.74 14.17
N GLY A 488 -27.77 6.81 14.35
CA GLY A 488 -28.17 8.12 13.91
C GLY A 488 -27.54 8.41 12.57
N GLU A 489 -27.66 9.65 12.11
CA GLU A 489 -27.12 10.05 10.82
C GLU A 489 -25.60 10.00 10.80
N THR A 490 -24.98 10.52 11.86
CA THR A 490 -23.54 10.68 11.91
C THR A 490 -22.82 9.33 11.90
N MET A 491 -23.40 8.36 12.58
CA MET A 491 -22.83 7.01 12.65
C MET A 491 -22.80 6.37 11.26
N VAL A 492 -23.78 6.71 10.43
CA VAL A 492 -23.92 6.11 9.12
C VAL A 492 -23.06 6.81 8.07
N GLU A 493 -23.16 8.13 8.02
CA GLU A 493 -22.47 8.91 7.00
C GLU A 493 -20.97 8.86 7.17
N LEU A 494 -20.51 8.61 8.38
CA LEU A 494 -19.09 8.40 8.64
C LEU A 494 -18.72 6.94 8.50
N GLY A 495 -19.60 6.07 8.98
CA GLY A 495 -19.32 4.64 9.03
C GLY A 495 -19.38 3.93 7.70
N ALA A 496 -20.36 4.28 6.88
CA ALA A 496 -20.55 3.62 5.58
C ALA A 496 -19.31 3.68 4.68
N PRO A 497 -18.71 4.88 4.47
CA PRO A 497 -17.59 4.87 3.53
C PRO A 497 -16.35 4.18 4.09
N PHE A 498 -16.10 4.33 5.39
CA PHE A 498 -14.99 3.66 6.05
C PHE A 498 -15.09 2.14 5.93
N SER A 499 -16.31 1.63 6.09
CA SER A 499 -16.55 0.19 6.06
C SER A 499 -16.33 -0.36 4.66
N LEU A 500 -16.94 0.29 3.67
CA LEU A 500 -16.85 -0.17 2.29
C LEU A 500 -15.45 0.03 1.70
N LYS A 501 -14.66 0.90 2.32
CA LYS A 501 -13.30 1.17 1.85
C LYS A 501 -12.39 -0.01 2.14
N GLY A 502 -12.50 -0.58 3.34
CA GLY A 502 -11.68 -1.71 3.73
C GLY A 502 -12.14 -3.02 3.12
N LEU A 503 -13.37 -3.02 2.63
CA LEU A 503 -13.95 -4.21 2.03
C LEU A 503 -13.59 -4.33 0.56
N MET A 504 -13.80 -3.26 -0.20
CA MET A 504 -13.51 -3.27 -1.63
C MET A 504 -12.04 -2.93 -1.89
N GLY A 505 -11.39 -2.36 -0.90
CA GLY A 505 -9.99 -1.98 -1.03
C GLY A 505 -9.04 -3.14 -0.84
N ASN A 506 -9.58 -4.34 -0.66
CA ASN A 506 -8.76 -5.52 -0.47
C ASN A 506 -8.17 -5.97 -1.80
N PRO A 507 -6.90 -6.41 -1.79
CA PRO A 507 -6.22 -6.84 -3.02
C PRO A 507 -6.97 -7.92 -3.79
N ILE A 508 -7.75 -8.76 -3.12
CA ILE A 508 -8.44 -9.84 -3.81
C ILE A 508 -9.60 -9.30 -4.65
N CYS A 509 -9.91 -8.02 -4.49
CA CYS A 509 -10.95 -7.37 -5.27
C CYS A 509 -10.37 -6.73 -6.53
N SER A 510 -9.05 -6.77 -6.65
CA SER A 510 -8.38 -6.20 -7.81
C SER A 510 -8.46 -7.15 -9.01
N PRO A 511 -8.54 -6.59 -10.23
CA PRO A 511 -8.71 -7.36 -11.46
C PRO A 511 -7.75 -8.54 -11.61
N GLN A 512 -6.51 -8.38 -11.16
CA GLN A 512 -5.51 -9.44 -11.29
C GLN A 512 -5.69 -10.53 -10.27
N TYR A 513 -6.45 -10.24 -9.21
CA TYR A 513 -6.72 -11.23 -8.18
C TYR A 513 -8.09 -11.86 -8.38
N TRP A 514 -9.07 -11.06 -8.78
CA TRP A 514 -10.44 -11.53 -8.92
C TRP A 514 -10.60 -12.47 -10.13
N LYS A 515 -9.97 -13.64 -10.04
CA LYS A 515 -10.04 -14.67 -11.08
C LYS A 515 -10.24 -16.03 -10.43
N PRO A 516 -10.82 -16.98 -11.17
CA PRO A 516 -10.98 -18.34 -10.63
C PRO A 516 -9.64 -19.02 -10.25
N SER A 517 -8.56 -18.69 -10.95
CA SER A 517 -7.29 -19.36 -10.72
C SER A 517 -6.70 -19.00 -9.36
N THR A 518 -6.99 -17.78 -8.90
CA THR A 518 -6.49 -17.29 -7.64
C THR A 518 -7.00 -18.12 -6.46
N PHE A 519 -8.19 -18.70 -6.62
CA PHE A 519 -8.83 -19.42 -5.54
C PHE A 519 -8.93 -20.91 -5.82
N GLY A 520 -8.03 -21.41 -6.66
CA GLY A 520 -7.93 -22.84 -6.92
C GLY A 520 -8.88 -23.37 -7.97
N GLY A 521 -9.45 -22.48 -8.78
CA GLY A 521 -10.36 -22.89 -9.83
C GLY A 521 -11.77 -22.42 -9.59
N GLU A 522 -12.71 -22.94 -10.37
CA GLU A 522 -14.10 -22.55 -10.25
C GLU A 522 -14.71 -22.98 -8.92
N VAL A 523 -14.20 -24.09 -8.37
CA VAL A 523 -14.72 -24.61 -7.12
C VAL A 523 -14.50 -23.66 -5.96
N GLY A 524 -13.26 -23.20 -5.81
CA GLY A 524 -12.93 -22.27 -4.75
C GLY A 524 -13.62 -20.93 -4.92
N PHE A 525 -13.75 -20.50 -6.17
CA PHE A 525 -14.41 -19.25 -6.49
C PHE A 525 -15.89 -19.32 -6.10
N LYS A 526 -16.50 -20.48 -6.32
CA LYS A 526 -17.91 -20.69 -6.03
C LYS A 526 -18.19 -20.64 -4.53
N ILE A 527 -17.21 -21.09 -3.74
CA ILE A 527 -17.33 -21.05 -2.29
C ILE A 527 -17.57 -19.62 -1.81
N ILE A 528 -16.84 -18.68 -2.42
CA ILE A 528 -16.94 -17.27 -2.05
C ILE A 528 -18.27 -16.65 -2.48
N ASN A 529 -18.60 -16.79 -3.74
CA ASN A 529 -19.77 -16.12 -4.31
C ASN A 529 -21.10 -16.70 -3.84
N THR A 530 -21.06 -17.76 -3.04
CA THR A 530 -22.26 -18.36 -2.50
C THR A 530 -22.22 -18.39 -0.97
N ALA A 531 -21.18 -17.76 -0.41
CA ALA A 531 -21.00 -17.78 1.03
C ALA A 531 -22.02 -16.89 1.72
N SER A 532 -22.38 -17.27 2.95
CA SER A 532 -23.31 -16.48 3.76
C SER A 532 -23.19 -16.90 5.22
N ILE A 533 -23.68 -16.05 6.12
CA ILE A 533 -23.61 -16.33 7.54
C ILE A 533 -24.41 -17.60 7.87
N GLN A 534 -25.43 -17.85 7.07
CA GLN A 534 -26.23 -19.06 7.19
C GLN A 534 -25.43 -20.29 6.78
N SER A 535 -24.80 -20.22 5.61
CA SER A 535 -24.02 -21.34 5.09
C SER A 535 -22.77 -21.59 5.93
N LEU A 536 -22.20 -20.53 6.49
CA LEU A 536 -21.04 -20.66 7.36
C LEU A 536 -21.36 -21.54 8.56
N ILE A 537 -22.46 -21.25 9.23
CA ILE A 537 -22.89 -22.01 10.39
C ILE A 537 -23.37 -23.40 9.97
N CYS A 538 -24.09 -23.46 8.86
CA CYS A 538 -24.66 -24.71 8.37
C CYS A 538 -23.58 -25.72 8.00
N ASN A 539 -22.45 -25.25 7.48
CA ASN A 539 -21.38 -26.13 7.04
C ASN A 539 -20.44 -26.57 8.16
N ASN A 540 -20.39 -25.81 9.25
CA ASN A 540 -19.42 -26.07 10.31
C ASN A 540 -20.01 -26.38 11.68
N VAL A 541 -21.27 -26.03 11.90
CA VAL A 541 -21.89 -26.31 13.19
C VAL A 541 -22.76 -27.56 13.07
N LYS A 542 -22.74 -28.38 14.10
CA LYS A 542 -23.43 -29.66 14.10
C LYS A 542 -24.94 -29.51 14.10
N GLY A 543 -25.60 -30.25 13.21
CA GLY A 543 -27.05 -30.23 13.11
C GLY A 543 -27.56 -29.16 12.16
N CYS A 544 -26.67 -28.27 11.75
CA CYS A 544 -27.01 -27.14 10.88
C CYS A 544 -28.18 -26.34 11.43
N PRO A 545 -27.96 -25.62 12.54
CA PRO A 545 -29.04 -24.82 13.12
C PRO A 545 -29.32 -23.57 12.31
N PHE A 546 -30.57 -23.15 12.26
CA PHE A 546 -30.94 -21.90 11.61
C PHE A 546 -30.30 -20.74 12.35
N THR A 547 -29.85 -19.74 11.60
CA THR A 547 -29.26 -18.54 12.19
C THR A 547 -29.40 -17.32 11.30
N SER A 548 -29.26 -16.15 11.91
CA SER A 548 -29.32 -14.89 11.20
C SER A 548 -28.82 -13.78 12.10
N PHE A 549 -28.81 -12.56 11.60
CA PHE A 549 -28.42 -11.41 12.39
C PHE A 549 -29.65 -10.73 12.98
N ASN A 550 -30.82 -11.32 12.73
CA ASN A 550 -32.08 -10.77 13.21
CA ASN A 550 -32.08 -10.78 13.20
C ASN A 550 -32.86 -11.79 14.03
N VAL A 551 -33.60 -11.31 15.02
CA VAL A 551 -34.40 -12.21 15.87
C VAL A 551 -35.74 -12.53 15.21
N GLN A 552 -36.24 -11.59 14.41
CA GLN A 552 -37.53 -11.72 13.72
C GLN A 552 -38.67 -12.08 14.68
N HIS B 1 6.18 -34.24 -12.93
CA HIS B 1 6.57 -32.90 -12.52
C HIS B 1 5.40 -31.93 -12.63
N HIS B 2 5.66 -30.66 -12.31
CA HIS B 2 4.62 -29.64 -12.36
C HIS B 2 4.08 -29.50 -13.78
N PRO B 3 2.75 -29.62 -13.95
CA PRO B 3 2.10 -29.59 -15.26
C PRO B 3 2.25 -28.28 -16.03
N CYS B 4 2.81 -27.26 -15.40
CA CYS B 4 2.94 -25.95 -16.03
C CYS B 4 4.39 -25.52 -16.25
N CYS B 5 5.30 -26.49 -16.24
CA CYS B 5 6.70 -26.20 -16.49
C CYS B 5 6.94 -25.75 -17.93
N SER B 6 6.10 -26.20 -18.84
CA SER B 6 6.25 -25.88 -20.25
C SER B 6 5.78 -24.47 -20.57
N ASN B 7 5.21 -23.80 -19.57
CA ASN B 7 4.60 -22.48 -19.73
C ASN B 7 3.58 -22.45 -20.87
N PRO B 8 2.49 -23.21 -20.73
CA PRO B 8 1.54 -23.41 -21.82
C PRO B 8 0.62 -22.21 -22.09
N CYS B 9 0.19 -21.53 -21.04
CA CYS B 9 -0.76 -20.44 -21.16
C CYS B 9 -0.13 -19.19 -21.79
N GLN B 10 -0.80 -18.65 -22.80
CA GLN B 10 -0.28 -17.50 -23.53
C GLN B 10 -1.08 -16.24 -23.22
N ASN B 11 -0.53 -15.09 -23.58
CA ASN B 11 -1.22 -13.80 -23.48
C ASN B 11 -1.75 -13.49 -22.07
N ARG B 12 -0.85 -13.53 -21.09
CA ARG B 12 -1.16 -13.15 -19.70
C ARG B 12 -2.17 -14.06 -19.01
N GLY B 13 -2.44 -15.21 -19.60
CA GLY B 13 -3.31 -16.20 -18.98
C GLY B 13 -2.56 -16.94 -17.89
N GLU B 14 -3.23 -17.23 -16.78
CA GLU B 14 -2.58 -17.84 -15.64
C GLU B 14 -2.76 -19.35 -15.62
N CYS B 15 -1.68 -20.07 -15.30
CA CYS B 15 -1.68 -21.52 -15.37
C CYS B 15 -1.92 -22.15 -14.00
N MET B 16 -2.73 -23.19 -13.97
CA MET B 16 -3.06 -23.91 -12.75
C MET B 16 -3.11 -25.40 -13.03
N SER B 17 -2.47 -26.20 -12.18
CA SER B 17 -2.53 -27.64 -12.30
C SER B 17 -3.89 -28.16 -11.85
N THR B 18 -4.41 -29.16 -12.54
CA THR B 18 -5.69 -29.77 -12.17
C THR B 18 -5.52 -31.27 -11.98
N GLY B 19 -4.33 -31.66 -11.54
CA GLY B 19 -3.97 -33.05 -11.41
C GLY B 19 -2.47 -33.16 -11.53
N PHE B 20 -1.95 -34.37 -11.44
CA PHE B 20 -0.50 -34.57 -11.51
C PHE B 20 0.04 -34.34 -12.91
N ASP B 21 -0.82 -34.52 -13.91
CA ASP B 21 -0.39 -34.49 -15.31
C ASP B 21 -1.15 -33.51 -16.18
N GLN B 22 -2.14 -32.82 -15.60
CA GLN B 22 -2.96 -31.90 -16.37
C GLN B 22 -2.93 -30.48 -15.82
N TYR B 23 -3.28 -29.50 -16.66
CA TYR B 23 -3.30 -28.11 -16.24
C TYR B 23 -4.57 -27.42 -16.74
N LYS B 24 -4.70 -26.15 -16.41
CA LYS B 24 -5.87 -25.35 -16.79
C LYS B 24 -5.48 -23.88 -16.90
N CYS B 25 -5.88 -23.24 -17.99
CA CYS B 25 -5.56 -21.83 -18.20
C CYS B 25 -6.74 -20.93 -17.84
N ASP B 26 -6.46 -19.86 -17.11
CA ASP B 26 -7.46 -18.84 -16.80
C ASP B 26 -7.31 -17.71 -17.81
N CYS B 27 -8.26 -17.60 -18.74
CA CYS B 27 -8.17 -16.63 -19.82
C CYS B 27 -8.93 -15.34 -19.52
N THR B 28 -9.19 -15.10 -18.25
CA THR B 28 -9.99 -13.94 -17.82
C THR B 28 -9.34 -12.61 -18.18
N ARG B 29 -10.08 -11.79 -18.91
CA ARG B 29 -9.66 -10.44 -19.29
C ARG B 29 -8.34 -10.41 -20.06
N THR B 30 -8.09 -11.45 -20.84
CA THR B 30 -6.89 -11.50 -21.66
C THR B 30 -7.21 -11.07 -23.08
N GLY B 31 -8.46 -11.27 -23.49
CA GLY B 31 -8.89 -10.98 -24.84
C GLY B 31 -8.78 -12.22 -25.70
N PHE B 32 -8.40 -13.33 -25.07
CA PHE B 32 -8.22 -14.60 -25.76
C PHE B 32 -9.01 -15.70 -25.05
N TYR B 33 -9.15 -16.83 -25.71
CA TYR B 33 -9.78 -18.00 -25.10
C TYR B 33 -9.24 -19.27 -25.75
N GLY B 34 -9.73 -20.42 -25.29
CA GLY B 34 -9.22 -21.69 -25.77
C GLY B 34 -8.43 -22.39 -24.69
N GLU B 35 -7.91 -23.57 -25.01
CA GLU B 35 -7.17 -24.38 -24.05
C GLU B 35 -5.94 -23.66 -23.51
N ASN B 36 -5.25 -22.94 -24.40
CA ASN B 36 -4.01 -22.27 -24.04
C ASN B 36 -4.12 -20.75 -24.08
N CYS B 37 -5.35 -20.23 -24.07
CA CYS B 37 -5.61 -18.80 -24.23
C CYS B 37 -4.88 -18.27 -25.46
N THR B 38 -5.23 -18.78 -26.63
CA THR B 38 -4.52 -18.41 -27.85
C THR B 38 -5.45 -18.02 -28.99
N THR B 39 -6.75 -18.31 -28.83
CA THR B 39 -7.74 -17.91 -29.81
C THR B 39 -8.28 -16.53 -29.46
N PRO B 40 -7.96 -15.53 -30.30
CA PRO B 40 -8.32 -14.14 -30.02
C PRO B 40 -9.80 -13.84 -30.22
N GLU B 41 -10.36 -12.98 -29.37
CA GLU B 41 -11.72 -12.51 -29.58
C GLU B 41 -11.67 -11.44 -30.65
N PHE B 42 -12.84 -10.95 -31.07
CA PHE B 42 -12.91 -10.09 -32.23
C PHE B 42 -12.32 -8.71 -31.99
N LEU B 43 -12.71 -8.07 -30.88
CA LEU B 43 -12.20 -6.75 -30.54
C LEU B 43 -10.69 -6.78 -30.37
N THR B 44 -10.17 -7.93 -29.96
CA THR B 44 -8.73 -8.12 -29.82
C THR B 44 -8.07 -8.17 -31.19
N ARG B 45 -8.71 -8.87 -32.13
CA ARG B 45 -8.21 -8.95 -33.50
C ARG B 45 -8.13 -7.56 -34.12
N ILE B 46 -9.06 -6.70 -33.76
CA ILE B 46 -9.03 -5.31 -34.19
C ILE B 46 -7.86 -4.57 -33.55
N LYS B 47 -7.70 -4.73 -32.24
CA LYS B 47 -6.67 -4.02 -31.49
C LYS B 47 -5.27 -4.56 -31.78
N LEU B 48 -5.16 -5.84 -32.12
CA LEU B 48 -3.87 -6.41 -32.47
C LEU B 48 -3.47 -6.02 -33.88
N LEU B 49 -4.45 -5.62 -34.68
CA LEU B 49 -4.19 -5.16 -36.04
C LEU B 49 -3.68 -3.73 -36.03
N LEU B 50 -4.29 -2.89 -35.20
CA LEU B 50 -3.96 -1.48 -35.14
C LEU B 50 -2.69 -1.20 -34.36
N LYS B 51 -2.23 -2.19 -33.61
CA LYS B 51 -1.06 -2.03 -32.74
C LYS B 51 0.22 -1.81 -33.53
N PRO B 52 0.88 -0.65 -33.34
CA PRO B 52 2.17 -0.36 -33.96
C PRO B 52 3.33 -0.97 -33.18
N THR B 53 4.36 -1.44 -33.88
CA THR B 53 5.52 -2.04 -33.23
C THR B 53 6.31 -0.99 -32.45
N PRO B 54 6.88 -1.39 -31.30
CA PRO B 54 7.72 -0.51 -30.49
C PRO B 54 8.91 0.06 -31.26
N ASN B 55 9.42 -0.69 -32.22
CA ASN B 55 10.53 -0.23 -33.04
C ASN B 55 10.17 0.99 -33.90
N THR B 56 8.91 1.05 -34.31
CA THR B 56 8.45 2.16 -35.15
C THR B 56 7.96 3.34 -34.31
N VAL B 57 7.44 3.05 -33.13
CA VAL B 57 7.04 4.08 -32.19
C VAL B 57 8.26 4.85 -31.69
N HIS B 58 9.34 4.11 -31.44
CA HIS B 58 10.60 4.72 -31.05
C HIS B 58 11.17 5.58 -32.17
N TYR B 59 10.95 5.13 -33.41
CA TYR B 59 11.41 5.87 -34.58
C TYR B 59 10.78 7.26 -34.64
N ILE B 60 9.47 7.32 -34.41
CA ILE B 60 8.73 8.56 -34.49
C ILE B 60 9.25 9.60 -33.49
N LEU B 61 9.45 9.16 -32.25
CA LEU B 61 9.91 10.05 -31.19
C LEU B 61 11.36 10.48 -31.35
N THR B 62 12.08 9.81 -32.24
CA THR B 62 13.49 10.11 -32.48
C THR B 62 13.71 10.78 -33.83
N HIS B 63 12.63 11.07 -34.54
CA HIS B 63 12.73 11.78 -35.82
C HIS B 63 11.74 12.93 -35.88
N PHE B 64 11.77 13.68 -36.97
CA PHE B 64 10.91 14.84 -37.17
C PHE B 64 11.13 15.84 -36.04
N LYS B 65 12.40 16.19 -35.83
CA LYS B 65 12.80 17.06 -34.72
C LYS B 65 12.14 18.43 -34.80
N GLY B 66 12.00 18.93 -36.02
CA GLY B 66 11.36 20.22 -36.25
C GLY B 66 9.91 20.20 -35.82
N VAL B 67 9.25 19.07 -35.96
CA VAL B 67 7.86 19.04 -35.57
C VAL B 67 7.71 18.87 -34.08
N TRP B 68 8.61 18.11 -33.47
CA TRP B 68 8.59 17.99 -32.02
C TRP B 68 8.93 19.31 -31.33
N ASN B 69 9.80 20.10 -31.95
CA ASN B 69 10.15 21.41 -31.42
C ASN B 69 8.93 22.31 -31.33
N ILE B 70 8.01 22.12 -32.28
CA ILE B 70 6.75 22.85 -32.28
C ILE B 70 5.83 22.34 -31.18
N VAL B 71 5.67 21.03 -31.10
CA VAL B 71 4.83 20.43 -30.07
C VAL B 71 5.30 20.74 -28.68
N ASN B 72 6.60 20.83 -28.52
CA ASN B 72 7.17 21.14 -27.21
C ASN B 72 6.91 22.58 -26.78
N ASN B 73 6.37 23.39 -27.68
CA ASN B 73 6.04 24.77 -27.37
C ASN B 73 4.54 25.03 -27.42
N ILE B 74 3.75 23.98 -27.32
CA ILE B 74 2.32 24.11 -27.20
C ILE B 74 1.85 23.41 -25.97
N PRO B 75 1.73 24.24 -24.84
CA PRO B 75 1.38 23.55 -23.61
C PRO B 75 0.29 22.54 -23.64
N PHE B 76 -0.81 22.80 -24.30
CA PHE B 76 -1.93 21.90 -24.28
C PHE B 76 -1.53 20.63 -24.97
N LEU B 77 -0.57 20.73 -25.86
CA LEU B 77 -0.24 19.63 -26.74
C LEU B 77 0.88 18.79 -26.18
N ARG B 78 1.74 19.42 -25.43
CA ARG B 78 2.77 18.71 -24.73
C ARG B 78 2.09 17.90 -23.68
N SER B 79 1.17 18.52 -22.98
CA SER B 79 0.48 17.86 -21.92
C SER B 79 -0.25 16.63 -22.38
N LEU B 80 -0.84 16.67 -23.54
CA LEU B 80 -1.72 15.61 -23.97
C LEU B 80 -0.97 14.41 -24.45
N ILE B 81 0.24 14.62 -24.93
CA ILE B 81 1.08 13.56 -25.43
C ILE B 81 1.74 12.89 -24.26
N MET B 82 2.11 13.67 -23.26
CA MET B 82 2.73 13.08 -22.08
C MET B 82 1.71 12.22 -21.33
N LYS B 83 0.45 12.60 -21.39
CA LYS B 83 -0.63 11.82 -20.80
C LYS B 83 -0.73 10.46 -21.47
N TYR B 84 -0.58 10.44 -22.79
CA TYR B 84 -0.61 9.20 -23.56
C TYR B 84 0.56 8.31 -23.16
N VAL B 85 1.74 8.91 -23.03
CA VAL B 85 2.95 8.18 -22.66
C VAL B 85 2.78 7.48 -21.32
N LEU B 86 2.13 8.17 -20.39
CA LEU B 86 1.88 7.61 -19.06
C LEU B 86 0.84 6.50 -19.08
N THR B 87 0.01 6.48 -20.13
CA THR B 87 -1.11 5.55 -20.18
C THR B 87 -1.05 4.57 -21.35
N SER B 88 0.02 4.62 -22.13
CA SER B 88 0.15 3.72 -23.28
C SER B 88 0.39 2.29 -22.86
N ARG B 89 0.75 2.10 -21.59
CA ARG B 89 1.03 0.77 -21.05
C ARG B 89 0.13 0.51 -19.84
N PRO B 90 -1.16 0.28 -20.08
CA PRO B 90 -2.19 0.29 -19.04
C PRO B 90 -2.17 -0.90 -18.07
N TYR B 91 -1.86 -2.09 -18.57
CA TYR B 91 -1.97 -3.28 -17.74
C TYR B 91 -0.71 -4.15 -17.73
N LEU B 92 0.45 -3.55 -17.95
CA LEU B 92 1.68 -4.32 -17.97
C LEU B 92 2.14 -4.74 -16.57
N ILE B 93 1.86 -3.89 -15.58
CA ILE B 93 2.34 -4.13 -14.23
C ILE B 93 1.24 -4.46 -13.25
N ASP B 94 1.40 -5.58 -12.53
CA ASP B 94 0.43 -5.98 -11.51
C ASP B 94 0.49 -5.05 -10.31
N SER B 95 -0.62 -4.38 -10.03
CA SER B 95 -0.73 -3.50 -8.88
C SER B 95 -2.14 -3.55 -8.33
N PRO B 96 -2.33 -4.11 -7.12
CA PRO B 96 -1.38 -4.72 -6.16
C PRO B 96 -0.62 -5.90 -6.72
N PRO B 97 0.64 -6.09 -6.29
CA PRO B 97 1.55 -7.11 -6.84
C PRO B 97 1.06 -8.53 -6.60
N THR B 98 1.66 -9.48 -7.29
CA THR B 98 1.21 -10.86 -7.26
C THR B 98 2.28 -11.81 -6.72
N TYR B 99 3.19 -12.24 -7.58
CA TYR B 99 4.12 -13.31 -7.24
C TYR B 99 5.43 -12.82 -6.66
N ASN B 100 6.18 -13.74 -6.04
CA ASN B 100 7.57 -13.50 -5.68
C ASN B 100 8.41 -14.76 -5.90
N VAL B 101 9.61 -14.80 -5.33
CA VAL B 101 10.54 -15.89 -5.59
C VAL B 101 10.08 -17.22 -4.97
N HIS B 102 9.25 -17.13 -3.94
CA HIS B 102 8.77 -18.33 -3.24
C HIS B 102 7.33 -18.70 -3.60
N TYR B 103 6.63 -17.78 -4.24
CA TYR B 103 5.23 -18.02 -4.57
C TYR B 103 4.95 -17.78 -6.05
N GLY B 104 4.81 -18.87 -6.79
CA GLY B 104 4.48 -18.81 -8.20
C GLY B 104 2.98 -18.82 -8.41
N TYR B 105 2.26 -18.48 -7.33
CA TYR B 105 0.82 -18.33 -7.34
C TYR B 105 0.46 -17.25 -6.33
N LYS B 106 -0.69 -16.60 -6.52
CA LYS B 106 -1.11 -15.54 -5.61
C LYS B 106 -1.37 -16.06 -4.20
N SER B 107 -0.94 -15.29 -3.21
CA SER B 107 -1.14 -15.63 -1.80
C SER B 107 -1.00 -14.38 -0.95
N TRP B 108 -1.48 -14.44 0.29
CA TRP B 108 -1.42 -13.27 1.16
C TRP B 108 0.00 -13.02 1.64
N GLU B 109 0.80 -14.08 1.70
CA GLU B 109 2.19 -13.96 2.07
C GLU B 109 2.94 -13.14 1.02
N ALA B 110 2.73 -13.48 -0.25
CA ALA B 110 3.39 -12.78 -1.35
C ALA B 110 2.99 -11.32 -1.41
N PHE B 111 1.76 -11.03 -1.01
CA PHE B 111 1.24 -9.67 -1.07
C PHE B 111 1.67 -8.81 0.11
N SER B 112 1.51 -9.35 1.32
CA SER B 112 1.67 -8.55 2.53
C SER B 112 3.13 -8.39 2.96
N ASN B 113 3.95 -9.38 2.67
CA ASN B 113 5.34 -9.37 3.12
C ASN B 113 6.20 -8.45 2.26
N LEU B 114 6.49 -7.26 2.79
CA LEU B 114 7.21 -6.23 2.05
C LEU B 114 8.70 -6.49 1.94
N SER B 115 9.17 -7.60 2.51
CA SER B 115 10.59 -7.96 2.43
C SER B 115 10.92 -8.59 1.09
N TYR B 116 9.90 -8.97 0.34
CA TYR B 116 10.10 -9.59 -0.95
C TYR B 116 10.17 -8.56 -2.07
N TYR B 117 11.06 -8.80 -3.02
CA TYR B 117 10.90 -8.20 -4.34
C TYR B 117 9.70 -8.92 -4.96
N THR B 118 8.84 -8.19 -5.65
CA THR B 118 7.75 -8.86 -6.37
C THR B 118 8.32 -9.43 -7.66
N ARG B 119 7.52 -10.19 -8.38
CA ARG B 119 7.98 -10.81 -9.62
C ARG B 119 7.00 -10.58 -10.77
N ALA B 120 7.51 -10.09 -11.89
CA ALA B 120 6.69 -9.87 -13.08
C ALA B 120 6.23 -11.21 -13.66
N LEU B 121 7.12 -12.18 -13.61
CA LEU B 121 6.78 -13.56 -13.95
C LEU B 121 7.07 -14.47 -12.77
N PRO B 122 6.22 -15.46 -12.53
CA PRO B 122 6.44 -16.42 -11.45
C PRO B 122 7.70 -17.25 -11.69
N PRO B 123 8.35 -17.70 -10.63
CA PRO B 123 9.55 -18.53 -10.78
C PRO B 123 9.23 -19.86 -11.45
N VAL B 124 10.24 -20.47 -12.06
CA VAL B 124 10.10 -21.81 -12.60
C VAL B 124 9.92 -22.78 -11.43
N ALA B 125 9.01 -23.73 -11.56
CA ALA B 125 8.74 -24.68 -10.49
C ALA B 125 9.98 -25.50 -10.13
N ASP B 126 10.07 -25.91 -8.88
CA ASP B 126 11.26 -26.60 -8.37
C ASP B 126 11.51 -27.95 -9.01
N ASP B 127 10.43 -28.63 -9.42
CA ASP B 127 10.56 -29.99 -9.93
C ASP B 127 10.56 -30.04 -11.46
N CYS B 128 10.79 -28.91 -12.09
CA CYS B 128 10.89 -28.87 -13.54
C CYS B 128 12.16 -29.57 -14.00
N PRO B 129 12.07 -30.37 -15.08
CA PRO B 129 13.18 -31.17 -15.59
C PRO B 129 14.36 -30.34 -16.12
N THR B 130 14.07 -29.27 -16.86
CA THR B 130 15.12 -28.39 -17.36
C THR B 130 15.03 -27.03 -16.66
N PRO B 131 16.17 -26.33 -16.53
CA PRO B 131 16.24 -25.05 -15.82
C PRO B 131 15.21 -24.00 -16.24
N MET B 132 14.75 -24.07 -17.48
CA MET B 132 13.80 -23.09 -18.00
C MET B 132 12.39 -23.66 -18.13
N GLY B 133 12.23 -24.94 -17.80
CA GLY B 133 10.95 -25.60 -17.90
C GLY B 133 11.06 -26.99 -18.50
N VAL B 134 10.99 -27.07 -19.83
CA VAL B 134 11.07 -28.35 -20.52
C VAL B 134 12.07 -28.28 -21.68
N LYS B 135 12.40 -27.07 -22.09
CA LYS B 135 13.31 -26.87 -23.23
C LYS B 135 14.76 -26.70 -22.76
N GLY B 136 15.69 -26.94 -23.68
CA GLY B 136 17.10 -26.82 -23.37
C GLY B 136 17.64 -28.07 -22.70
N ASN B 137 18.92 -28.04 -22.36
CA ASN B 137 19.57 -29.18 -21.72
C ASN B 137 19.30 -29.22 -20.22
N LYS B 138 19.78 -30.28 -19.58
CA LYS B 138 19.57 -30.47 -18.15
C LYS B 138 20.18 -29.34 -17.33
N GLU B 139 21.20 -28.69 -17.88
CA GLU B 139 21.84 -27.57 -17.21
C GLU B 139 22.12 -26.41 -18.16
N LEU B 140 22.07 -25.20 -17.62
CA LEU B 140 22.46 -24.02 -18.37
C LEU B 140 23.97 -23.96 -18.50
N PRO B 141 24.48 -23.29 -19.55
CA PRO B 141 25.93 -23.16 -19.72
C PRO B 141 26.58 -22.46 -18.53
N ASP B 142 27.85 -22.79 -18.26
CA ASP B 142 28.58 -22.19 -17.16
C ASP B 142 28.51 -20.67 -17.26
N SER B 143 28.15 -20.02 -16.16
CA SER B 143 27.97 -18.58 -16.16
C SER B 143 29.26 -17.86 -16.50
N LYS B 144 30.38 -18.48 -16.13
CA LYS B 144 31.71 -17.94 -16.45
C LYS B 144 31.96 -17.89 -17.95
N GLU B 145 31.57 -18.94 -18.66
CA GLU B 145 31.76 -18.99 -20.10
C GLU B 145 30.88 -17.95 -20.82
N VAL B 146 29.63 -17.84 -20.39
CA VAL B 146 28.71 -16.85 -20.94
C VAL B 146 29.25 -15.45 -20.68
N LEU B 147 29.89 -15.29 -19.52
CA LEU B 147 30.48 -14.03 -19.11
C LEU B 147 31.69 -13.65 -19.97
N GLU B 148 32.60 -14.58 -20.17
CA GLU B 148 33.86 -14.30 -20.85
C GLU B 148 33.68 -14.10 -22.34
N LYS B 149 32.79 -14.87 -22.95
CA LYS B 149 32.68 -14.88 -24.40
C LYS B 149 31.94 -13.68 -24.98
N VAL B 150 30.89 -13.22 -24.30
CA VAL B 150 30.06 -12.16 -24.87
C VAL B 150 29.75 -10.99 -23.93
N LEU B 151 30.32 -10.99 -22.74
CA LEU B 151 30.01 -9.93 -21.78
C LEU B 151 31.21 -9.05 -21.41
N LEU B 152 32.35 -9.68 -21.14
CA LEU B 152 33.52 -8.95 -20.68
C LEU B 152 34.02 -7.96 -21.74
N ARG B 153 34.67 -6.90 -21.27
CA ARG B 153 35.08 -5.79 -22.13
C ARG B 153 36.50 -5.94 -22.65
N ARG B 154 36.63 -5.86 -23.98
CA ARG B 154 37.93 -5.78 -24.62
C ARG B 154 38.30 -4.31 -24.80
N GLU B 155 38.00 -3.77 -25.96
CA GLU B 155 38.08 -2.33 -26.17
C GLU B 155 36.88 -1.67 -25.52
N PHE B 156 37.13 -0.58 -24.80
CA PHE B 156 36.05 0.18 -24.18
C PHE B 156 35.09 0.73 -25.23
N ILE B 157 33.81 0.43 -25.07
CA ILE B 157 32.79 0.89 -26.01
C ILE B 157 31.94 1.97 -25.36
N PRO B 158 32.12 3.22 -25.79
CA PRO B 158 31.45 4.38 -25.20
C PRO B 158 29.99 4.49 -25.64
N ASP B 159 29.18 5.12 -24.81
CA ASP B 159 27.77 5.34 -25.10
C ASP B 159 27.60 6.36 -26.22
N PRO B 160 26.93 5.97 -27.31
CA PRO B 160 26.68 6.89 -28.43
C PRO B 160 25.79 8.08 -28.06
N GLN B 161 24.93 7.91 -27.06
CA GLN B 161 24.04 8.98 -26.65
C GLN B 161 24.79 10.02 -25.83
N GLY B 162 26.00 9.67 -25.42
CA GLY B 162 26.89 10.61 -24.77
C GLY B 162 26.73 10.72 -23.28
N SER B 163 26.23 9.66 -22.65
CA SER B 163 26.07 9.65 -21.20
C SER B 163 27.41 9.83 -20.50
N ASN B 164 27.45 10.73 -19.53
CA ASN B 164 28.68 10.99 -18.80
C ASN B 164 28.70 10.26 -17.46
N MET B 165 29.65 10.64 -16.60
CA MET B 165 29.77 10.00 -15.29
C MET B 165 28.80 10.60 -14.28
N MET B 166 28.26 11.77 -14.60
CA MET B 166 27.22 12.35 -13.77
C MET B 166 25.98 11.48 -13.86
N PHE B 167 25.72 10.96 -15.05
CA PHE B 167 24.59 10.06 -15.27
C PHE B 167 24.80 8.75 -14.55
N ALA B 168 25.96 8.13 -14.77
CA ALA B 168 26.26 6.81 -14.23
C ALA B 168 26.17 6.74 -12.71
N PHE B 169 26.59 7.82 -12.05
CA PHE B 169 26.56 7.85 -10.59
C PHE B 169 25.19 8.25 -10.07
N PHE B 170 24.48 9.07 -10.84
CA PHE B 170 23.13 9.44 -10.46
C PHE B 170 22.25 8.20 -10.50
N ALA B 171 22.37 7.44 -11.58
CA ALA B 171 21.62 6.20 -11.73
C ALA B 171 21.91 5.25 -10.58
N GLN B 172 23.17 5.18 -10.18
CA GLN B 172 23.57 4.29 -9.10
C GLN B 172 23.08 4.80 -7.75
N HIS B 173 23.19 6.10 -7.54
CA HIS B 173 22.76 6.73 -6.30
C HIS B 173 21.24 6.73 -6.17
N PHE B 174 20.55 7.01 -7.27
CA PHE B 174 19.09 7.09 -7.24
C PHE B 174 18.44 5.71 -7.04
N THR B 175 18.85 4.72 -7.83
CA THR B 175 18.18 3.43 -7.80
C THR B 175 18.47 2.60 -6.56
N HIS B 176 19.53 2.93 -5.86
CA HIS B 176 19.92 2.16 -4.67
C HIS B 176 19.18 2.59 -3.41
N GLN B 177 18.05 3.28 -3.59
CA GLN B 177 17.16 3.54 -2.47
C GLN B 177 16.05 2.49 -2.47
N PHE B 178 15.77 1.92 -3.63
CA PHE B 178 14.78 0.84 -3.71
C PHE B 178 15.40 -0.47 -4.21
N PHE B 179 16.71 -0.44 -4.46
CA PHE B 179 17.45 -1.67 -4.77
C PHE B 179 18.42 -1.99 -3.64
N LYS B 180 17.90 -2.51 -2.54
CA LYS B 180 18.73 -2.83 -1.37
C LYS B 180 18.58 -4.29 -0.99
N THR B 181 19.24 -5.17 -1.74
CA THR B 181 19.10 -6.61 -1.54
C THR B 181 19.49 -7.05 -0.12
N ASP B 182 18.58 -7.75 0.54
CA ASP B 182 18.86 -8.34 1.84
C ASP B 182 19.61 -9.65 1.63
N HIS B 183 20.93 -9.58 1.61
CA HIS B 183 21.73 -10.76 1.31
C HIS B 183 21.77 -11.76 2.46
N LYS B 184 21.33 -11.33 3.63
CA LYS B 184 21.19 -12.25 4.76
C LYS B 184 20.00 -13.19 4.55
N ARG B 185 19.13 -12.83 3.61
CA ARG B 185 17.98 -13.67 3.27
C ARG B 185 18.13 -14.28 1.88
N GLY B 186 18.56 -13.47 0.92
CA GLY B 186 18.70 -13.93 -0.46
C GLY B 186 18.51 -12.82 -1.46
N PRO B 187 18.73 -13.13 -2.75
CA PRO B 187 18.64 -12.13 -3.82
C PRO B 187 17.19 -11.72 -4.14
N GLY B 188 16.22 -12.47 -3.64
CA GLY B 188 14.83 -12.15 -3.85
C GLY B 188 14.24 -11.30 -2.75
N PHE B 189 15.10 -10.85 -1.83
CA PHE B 189 14.66 -10.05 -0.70
C PHE B 189 15.27 -8.65 -0.70
N THR B 190 14.51 -7.68 -0.21
CA THR B 190 14.96 -6.29 -0.18
C THR B 190 14.97 -5.74 1.24
N ARG B 191 15.86 -4.77 1.48
CA ARG B 191 15.92 -4.09 2.76
C ARG B 191 15.13 -2.79 2.69
N GLY B 192 14.77 -2.38 1.48
CA GLY B 192 13.99 -1.17 1.27
C GLY B 192 12.49 -1.44 1.23
N LEU B 193 11.86 -1.37 2.40
CA LEU B 193 10.46 -1.70 2.53
C LEU B 193 9.56 -0.57 2.04
N GLY B 194 10.17 0.53 1.62
CA GLY B 194 9.42 1.64 1.06
C GLY B 194 8.98 1.36 -0.36
N HIS B 195 9.77 0.53 -1.05
CA HIS B 195 9.47 0.09 -2.41
C HIS B 195 9.26 1.24 -3.39
N GLY B 196 10.09 2.27 -3.27
CA GLY B 196 9.98 3.42 -4.15
C GLY B 196 10.85 4.58 -3.71
N VAL B 197 10.50 5.76 -4.20
CA VAL B 197 11.28 6.96 -3.96
C VAL B 197 10.92 7.58 -2.62
N ASP B 198 11.50 7.07 -1.54
CA ASP B 198 11.27 7.61 -0.21
C ASP B 198 12.49 8.38 0.29
N LEU B 199 13.53 8.40 -0.54
CA LEU B 199 14.79 9.06 -0.22
C LEU B 199 15.40 8.56 1.08
N ASN B 200 15.20 7.28 1.36
CA ASN B 200 15.78 6.66 2.55
C ASN B 200 17.30 6.57 2.44
N HIS B 201 17.81 6.62 1.21
CA HIS B 201 19.24 6.62 0.96
C HIS B 201 19.86 7.93 1.43
N ILE B 202 19.00 8.87 1.84
CA ILE B 202 19.44 10.13 2.40
C ILE B 202 19.05 10.22 3.88
N TYR B 203 17.82 9.83 4.20
CA TYR B 203 17.28 10.03 5.55
C TYR B 203 17.35 8.78 6.42
N GLY B 204 17.51 7.62 5.80
CA GLY B 204 17.57 6.38 6.56
C GLY B 204 16.32 5.55 6.41
N GLU B 205 16.46 4.24 6.57
CA GLU B 205 15.34 3.32 6.39
C GLU B 205 14.42 3.31 7.60
N THR B 206 15.00 3.35 8.78
CA THR B 206 14.23 3.33 10.03
C THR B 206 14.25 4.69 10.70
N LEU B 207 13.34 4.87 11.65
CA LEU B 207 13.22 6.14 12.37
C LEU B 207 14.43 6.40 13.26
N ASP B 208 15.01 5.34 13.80
CA ASP B 208 16.16 5.49 14.69
C ASP B 208 17.38 6.01 13.94
N ARG B 209 17.64 5.43 12.77
CA ARG B 209 18.76 5.85 11.93
C ARG B 209 18.60 7.30 11.51
N GLN B 210 17.35 7.70 11.26
CA GLN B 210 17.04 9.06 10.84
C GLN B 210 17.32 10.07 11.94
N HIS B 211 16.92 9.72 13.16
CA HIS B 211 17.11 10.61 14.31
C HIS B 211 18.58 10.77 14.66
N LYS B 212 19.39 9.81 14.24
CA LYS B 212 20.83 9.89 14.48
C LYS B 212 21.51 10.68 13.38
N LEU B 213 20.78 10.93 12.29
CA LEU B 213 21.30 11.74 11.20
C LEU B 213 20.82 13.19 11.31
N ARG B 214 19.70 13.40 11.98
CA ARG B 214 19.11 14.73 12.09
C ARG B 214 19.82 15.58 13.15
N LEU B 215 19.73 16.90 12.96
CA LEU B 215 20.37 17.85 13.86
C LEU B 215 19.39 18.34 14.91
N PHE B 216 18.10 18.27 14.58
CA PHE B 216 17.01 18.70 15.47
C PHE B 216 17.07 20.20 15.77
N LYS B 217 17.67 20.93 14.84
CA LYS B 217 17.58 22.39 14.85
C LYS B 217 17.28 22.85 13.42
N ASP B 218 16.21 23.61 13.26
CA ASP B 218 15.78 24.14 11.96
C ASP B 218 15.46 23.05 10.94
N GLY B 219 15.25 21.82 11.41
CA GLY B 219 14.88 20.72 10.54
C GLY B 219 16.01 20.19 9.69
N LYS B 220 17.25 20.45 10.09
CA LYS B 220 18.40 20.12 9.26
C LYS B 220 19.05 18.79 9.61
N LEU B 221 19.96 18.34 8.74
CA LEU B 221 20.72 17.13 8.96
C LEU B 221 22.08 17.47 9.55
N LYS B 222 22.62 16.56 10.36
CA LYS B 222 23.96 16.74 10.88
C LYS B 222 24.97 16.88 9.75
N TYR B 223 26.04 17.61 9.99
CA TYR B 223 27.07 17.81 8.99
C TYR B 223 28.36 18.27 9.64
N GLN B 224 29.46 18.13 8.92
CA GLN B 224 30.73 18.68 9.36
C GLN B 224 31.22 19.69 8.33
N VAL B 225 32.11 20.59 8.75
CA VAL B 225 32.68 21.55 7.84
C VAL B 225 34.18 21.33 7.70
N ILE B 226 34.59 20.87 6.52
CA ILE B 226 35.99 20.60 6.24
C ILE B 226 36.54 21.58 5.22
N GLY B 227 37.35 22.52 5.68
CA GLY B 227 37.94 23.53 4.82
C GLY B 227 36.90 24.47 4.24
N GLY B 228 35.87 24.75 5.01
CA GLY B 228 34.82 25.66 4.58
C GLY B 228 33.74 24.98 3.77
N GLU B 229 33.99 23.73 3.39
CA GLU B 229 33.05 22.95 2.61
C GLU B 229 32.24 22.02 3.51
N VAL B 230 30.93 21.92 3.23
CA VAL B 230 30.04 21.10 4.05
C VAL B 230 29.99 19.66 3.56
N TYR B 231 30.22 18.73 4.49
CA TYR B 231 30.21 17.31 4.18
C TYR B 231 29.37 16.55 5.19
N PRO B 232 28.95 15.32 4.84
CA PRO B 232 28.23 14.46 5.79
C PRO B 232 29.01 14.25 7.08
N PRO B 233 28.30 13.97 8.19
CA PRO B 233 28.95 13.74 9.48
C PRO B 233 29.63 12.38 9.54
N THR B 234 30.42 12.15 10.58
CA THR B 234 31.16 10.90 10.72
C THR B 234 30.37 9.85 11.47
N VAL B 235 30.75 8.59 11.29
CA VAL B 235 30.12 7.48 12.00
C VAL B 235 30.28 7.63 13.50
N LYS B 236 31.44 8.10 13.93
CA LYS B 236 31.69 8.33 15.35
C LYS B 236 30.74 9.39 15.91
N ASP B 237 30.44 10.41 15.11
CA ASP B 237 29.63 11.53 15.57
C ASP B 237 28.14 11.17 15.64
N THR B 238 27.73 10.17 14.89
CA THR B 238 26.30 9.86 14.77
C THR B 238 25.91 8.48 15.28
N GLN B 239 26.90 7.62 15.47
CA GLN B 239 26.68 6.21 15.83
C GLN B 239 25.85 5.49 14.78
N VAL B 240 25.87 6.01 13.56
CA VAL B 240 25.17 5.40 12.44
C VAL B 240 26.01 4.30 11.82
N GLU B 241 25.47 3.09 11.77
CA GLU B 241 26.16 1.96 11.16
C GLU B 241 26.41 2.17 9.68
N MET B 242 27.68 2.08 9.28
CA MET B 242 28.07 2.19 7.89
C MET B 242 28.96 1.02 7.51
N ILE B 243 28.92 0.62 6.24
CA ILE B 243 29.77 -0.46 5.75
C ILE B 243 31.10 0.09 5.25
N TYR B 244 32.15 -0.12 6.05
CA TYR B 244 33.49 0.32 5.68
C TYR B 244 34.51 -0.77 5.93
N PRO B 245 35.54 -0.84 5.08
CA PRO B 245 36.69 -1.70 5.37
C PRO B 245 37.39 -1.20 6.63
N PRO B 246 37.96 -2.12 7.42
CA PRO B 246 38.58 -1.80 8.72
C PRO B 246 39.71 -0.77 8.62
N HIS B 247 40.32 -0.61 7.45
CA HIS B 247 41.48 0.27 7.32
C HIS B 247 41.08 1.73 7.04
N ILE B 248 39.78 2.02 7.09
CA ILE B 248 39.30 3.39 6.89
C ILE B 248 39.26 4.15 8.21
N PRO B 249 39.99 5.27 8.28
CA PRO B 249 40.09 6.12 9.48
C PRO B 249 38.73 6.58 10.00
N GLU B 250 38.67 6.96 11.27
CA GLU B 250 37.43 7.39 11.90
C GLU B 250 36.86 8.66 11.26
N ASN B 251 37.74 9.49 10.72
CA ASN B 251 37.33 10.79 10.18
C ASN B 251 36.88 10.70 8.73
N LEU B 252 37.13 9.55 8.10
CA LEU B 252 36.73 9.34 6.71
C LEU B 252 35.55 8.40 6.61
N GLN B 253 35.00 8.03 7.76
CA GLN B 253 33.79 7.22 7.79
C GLN B 253 32.56 8.13 7.80
N PHE B 254 32.18 8.61 6.63
CA PHE B 254 31.00 9.46 6.50
C PHE B 254 29.74 8.67 6.80
N ALA B 255 28.77 9.32 7.43
CA ALA B 255 27.50 8.68 7.75
C ALA B 255 26.38 9.27 6.91
N VAL B 256 25.81 8.45 6.04
CA VAL B 256 24.67 8.88 5.23
C VAL B 256 23.51 7.92 5.39
N GLY B 257 22.41 8.20 4.69
CA GLY B 257 21.20 7.41 4.79
C GLY B 257 21.42 5.96 4.40
N GLN B 258 22.09 5.76 3.27
CA GLN B 258 22.37 4.41 2.78
C GLN B 258 23.66 3.88 3.43
N GLU B 259 23.62 2.62 3.86
CA GLU B 259 24.70 2.02 4.63
CA GLU B 259 24.73 2.09 4.64
C GLU B 259 25.91 1.66 3.76
N VAL B 260 25.76 1.74 2.44
CA VAL B 260 26.84 1.31 1.56
C VAL B 260 27.42 2.40 0.65
N PHE B 261 26.94 3.63 0.80
CA PHE B 261 27.38 4.71 -0.09
C PHE B 261 28.83 5.15 0.17
N GLY B 262 29.44 4.66 1.23
CA GLY B 262 30.79 5.05 1.56
C GLY B 262 31.84 4.40 0.67
N LEU B 263 31.46 3.32 0.01
CA LEU B 263 32.40 2.50 -0.73
C LEU B 263 32.79 3.11 -2.07
N VAL B 264 31.94 4.00 -2.59
CA VAL B 264 32.20 4.66 -3.87
C VAL B 264 32.10 6.18 -3.76
N PRO B 265 33.21 6.88 -4.04
CA PRO B 265 33.28 8.34 -3.97
C PRO B 265 32.29 9.05 -4.89
N GLY B 266 31.85 8.38 -5.95
CA GLY B 266 30.86 8.94 -6.84
C GLY B 266 29.50 9.03 -6.17
N LEU B 267 29.24 8.09 -5.28
CA LEU B 267 27.99 8.07 -4.53
C LEU B 267 28.04 9.08 -3.39
N MET B 268 29.22 9.20 -2.78
CA MET B 268 29.41 10.13 -1.68
C MET B 268 29.36 11.56 -2.19
N MET B 269 29.50 11.72 -3.50
CA MET B 269 29.33 13.03 -4.12
C MET B 269 27.88 13.47 -4.03
N TYR B 270 26.98 12.68 -4.62
CA TYR B 270 25.55 12.99 -4.59
C TYR B 270 25.00 12.98 -3.18
N ALA B 271 25.58 12.14 -2.33
CA ALA B 271 25.17 12.07 -0.94
C ALA B 271 25.44 13.40 -0.26
N THR B 272 26.54 14.04 -0.63
CA THR B 272 26.89 15.34 -0.10
C THR B 272 26.01 16.42 -0.71
N ILE B 273 25.79 16.31 -2.01
CA ILE B 273 24.96 17.28 -2.73
C ILE B 273 23.52 17.31 -2.22
N TRP B 274 22.90 16.13 -2.11
CA TRP B 274 21.53 16.03 -1.63
C TRP B 274 21.39 16.42 -0.16
N LEU B 275 22.44 16.21 0.61
CA LEU B 275 22.44 16.61 2.01
C LEU B 275 22.48 18.13 2.10
N ARG B 276 23.21 18.75 1.19
CA ARG B 276 23.26 20.21 1.12
C ARG B 276 21.90 20.75 0.72
N GLU B 277 21.32 20.14 -0.31
CA GLU B 277 20.01 20.55 -0.83
C GLU B 277 18.96 20.53 0.26
N HIS B 278 19.04 19.53 1.13
CA HIS B 278 18.08 19.42 2.22
C HIS B 278 18.17 20.62 3.15
N ASN B 279 19.38 20.96 3.58
CA ASN B 279 19.58 22.07 4.49
C ASN B 279 19.29 23.42 3.84
N ARG B 280 19.43 23.48 2.52
CA ARG B 280 19.10 24.68 1.79
C ARG B 280 17.59 24.94 1.82
N VAL B 281 16.81 23.88 1.59
CA VAL B 281 15.36 23.98 1.60
C VAL B 281 14.84 24.37 2.98
N CYS B 282 15.55 23.93 4.03
CA CYS B 282 15.18 24.29 5.39
C CYS B 282 15.37 25.78 5.65
N ASP B 283 16.42 26.35 5.08
CA ASP B 283 16.66 27.79 5.18
C ASP B 283 15.52 28.57 4.56
N ILE B 284 15.11 28.15 3.37
CA ILE B 284 14.03 28.79 2.65
C ILE B 284 12.73 28.69 3.41
N LEU B 285 12.41 27.47 3.86
CA LEU B 285 11.18 27.24 4.59
C LEU B 285 11.13 27.99 5.92
N LYS B 286 12.30 28.28 6.48
CA LYS B 286 12.34 28.93 7.78
C LYS B 286 11.95 30.41 7.69
N GLN B 287 12.26 31.06 6.57
CA GLN B 287 11.90 32.46 6.43
C GLN B 287 10.56 32.61 5.73
N GLU B 288 10.00 31.49 5.31
CA GLU B 288 8.62 31.46 4.84
C GLU B 288 7.73 31.13 6.02
N HIS B 289 8.28 30.38 6.96
CA HIS B 289 7.55 29.98 8.15
C HIS B 289 8.42 30.10 9.39
N PRO B 290 8.59 31.34 9.88
CA PRO B 290 9.39 31.53 11.10
C PRO B 290 8.67 30.98 12.34
N GLU B 291 7.41 30.58 12.18
CA GLU B 291 6.65 30.01 13.28
C GLU B 291 6.81 28.50 13.37
N TRP B 292 7.30 27.89 12.30
CA TRP B 292 7.42 26.42 12.26
C TRP B 292 8.52 25.91 13.17
N GLY B 293 8.30 24.72 13.72
CA GLY B 293 9.29 24.09 14.58
C GLY B 293 10.24 23.22 13.76
N ASP B 294 11.09 22.47 14.45
CA ASP B 294 12.08 21.66 13.78
C ASP B 294 11.48 20.49 13.00
N GLU B 295 10.50 19.82 13.62
CA GLU B 295 9.94 18.61 13.06
C GLU B 295 9.25 18.85 11.72
N GLN B 296 8.51 19.95 11.62
CA GLN B 296 7.81 20.24 10.38
C GLN B 296 8.76 20.73 9.30
N LEU B 297 9.80 21.44 9.69
CA LEU B 297 10.81 21.89 8.73
C LEU B 297 11.49 20.69 8.08
N PHE B 298 11.81 19.68 8.89
CA PHE B 298 12.42 18.47 8.35
C PHE B 298 11.48 17.72 7.44
N GLN B 299 10.29 17.41 7.96
CA GLN B 299 9.34 16.57 7.25
C GLN B 299 8.87 17.20 5.94
N THR B 300 8.75 18.52 5.94
CA THR B 300 8.33 19.23 4.74
C THR B 300 9.46 19.25 3.72
N SER B 301 10.70 19.33 4.22
CA SER B 301 11.86 19.32 3.34
C SER B 301 12.04 17.96 2.69
N ARG B 302 11.70 16.89 3.41
CA ARG B 302 11.82 15.55 2.86
C ARG B 302 10.85 15.35 1.69
N LEU B 303 9.66 15.94 1.79
CA LEU B 303 8.67 15.82 0.73
C LEU B 303 9.08 16.57 -0.53
N ILE B 304 9.67 17.75 -0.35
CA ILE B 304 10.10 18.57 -1.48
C ILE B 304 11.22 17.89 -2.25
N LEU B 305 12.20 17.36 -1.54
CA LEU B 305 13.31 16.66 -2.17
C LEU B 305 12.83 15.40 -2.89
N ILE B 306 11.80 14.77 -2.34
CA ILE B 306 11.16 13.65 -3.01
C ILE B 306 10.55 14.13 -4.33
N GLY B 307 9.90 15.29 -4.27
CA GLY B 307 9.34 15.89 -5.46
C GLY B 307 10.41 16.31 -6.45
N GLU B 308 11.51 16.87 -5.94
CA GLU B 308 12.62 17.25 -6.78
C GLU B 308 13.19 16.04 -7.51
N THR B 309 13.39 14.97 -6.76
CA THR B 309 13.99 13.76 -7.32
C THR B 309 13.15 13.21 -8.46
N ILE B 310 11.85 13.09 -8.24
CA ILE B 310 10.95 12.62 -9.28
C ILE B 310 10.98 13.58 -10.48
N LYS B 311 11.01 14.87 -10.20
CA LYS B 311 11.08 15.89 -11.23
C LYS B 311 12.35 15.75 -12.07
N ILE B 312 13.48 15.63 -11.39
CA ILE B 312 14.78 15.50 -12.05
C ILE B 312 14.88 14.20 -12.82
N VAL B 313 14.43 13.10 -12.22
CA VAL B 313 14.51 11.79 -12.85
C VAL B 313 13.71 11.73 -14.14
N ILE B 314 12.52 12.32 -14.14
CA ILE B 314 11.68 12.27 -15.33
C ILE B 314 12.17 13.19 -16.44
N GLU B 315 12.39 14.46 -16.12
CA GLU B 315 12.64 15.45 -17.15
C GLU B 315 14.11 15.63 -17.52
N ASP B 316 15.01 15.01 -16.77
CA ASP B 316 16.44 15.08 -17.08
C ASP B 316 17.04 13.70 -17.27
N TYR B 317 16.84 12.84 -16.29
CA TYR B 317 17.42 11.50 -16.30
C TYR B 317 16.79 10.62 -17.37
N VAL B 318 15.47 10.45 -17.30
CA VAL B 318 14.78 9.61 -18.27
C VAL B 318 14.78 10.26 -19.66
N GLN B 319 14.72 11.59 -19.69
CA GLN B 319 14.75 12.34 -20.94
C GLN B 319 16.01 12.06 -21.74
N HIS B 320 17.16 12.18 -21.08
CA HIS B 320 18.45 11.90 -21.73
C HIS B 320 18.57 10.45 -22.17
N LEU B 321 18.00 9.56 -21.35
CA LEU B 321 18.06 8.13 -21.62
C LEU B 321 17.28 7.77 -22.86
N SER B 322 16.06 8.29 -22.97
CA SER B 322 15.18 8.01 -24.10
C SER B 322 15.76 8.52 -25.42
N GLY B 323 16.26 9.75 -25.42
CA GLY B 323 16.78 10.36 -26.63
C GLY B 323 15.67 10.94 -27.48
N TYR B 324 14.44 10.88 -26.96
CA TYR B 324 13.28 11.43 -27.65
C TYR B 324 13.42 12.93 -27.84
N HIS B 325 13.00 13.42 -29.02
CA HIS B 325 12.99 14.86 -29.27
C HIS B 325 11.88 15.50 -28.44
N PHE B 326 10.85 14.71 -28.14
CA PHE B 326 9.74 15.17 -27.33
C PHE B 326 10.17 15.41 -25.89
N LYS B 327 9.87 16.60 -25.39
CA LYS B 327 10.26 17.00 -24.04
C LYS B 327 9.27 16.47 -23.00
N LEU B 328 9.73 15.53 -22.18
CA LEU B 328 8.89 14.93 -21.16
C LEU B 328 8.50 15.93 -20.10
N LYS B 329 7.46 15.60 -19.33
CA LYS B 329 6.95 16.52 -18.33
C LYS B 329 6.53 15.77 -17.07
N PHE B 330 6.92 16.29 -15.91
CA PHE B 330 6.45 15.75 -14.65
C PHE B 330 5.23 16.54 -14.17
N ASP B 331 4.05 15.97 -14.39
CA ASP B 331 2.80 16.63 -14.03
C ASP B 331 1.77 15.60 -13.58
N PRO B 332 1.67 15.40 -12.24
CA PRO B 332 0.75 14.44 -11.63
C PRO B 332 -0.72 14.68 -11.99
N GLU B 333 -1.06 15.90 -12.43
CA GLU B 333 -2.43 16.24 -12.77
C GLU B 333 -2.92 15.48 -14.00
N LEU B 334 -1.98 14.92 -14.76
CA LEU B 334 -2.30 14.21 -15.99
C LEU B 334 -2.90 12.84 -15.71
N LEU B 335 -2.84 12.39 -14.47
CA LEU B 335 -3.33 11.06 -14.10
C LEU B 335 -4.59 11.10 -13.25
N PHE B 336 -5.09 12.29 -12.95
CA PHE B 336 -6.21 12.44 -12.04
C PHE B 336 -7.51 11.87 -12.64
N ASN B 337 -7.70 12.02 -13.95
CA ASN B 337 -8.90 11.53 -14.59
C ASN B 337 -8.70 10.15 -15.22
N GLN B 338 -7.73 9.42 -14.70
CA GLN B 338 -7.38 8.10 -15.24
C GLN B 338 -7.30 7.05 -14.13
N GLN B 339 -7.47 5.79 -14.51
CA GLN B 339 -7.34 4.69 -13.56
C GLN B 339 -5.87 4.42 -13.28
N PHE B 340 -5.42 4.78 -12.08
CA PHE B 340 -4.03 4.58 -11.70
C PHE B 340 -3.91 4.28 -10.22
N GLN B 341 -3.07 3.32 -9.89
CA GLN B 341 -2.84 2.95 -8.49
C GLN B 341 -1.64 3.67 -7.92
N TYR B 342 -1.88 4.52 -6.92
CA TYR B 342 -0.81 5.26 -6.28
C TYR B 342 -0.11 4.41 -5.23
N GLN B 343 0.42 3.28 -5.70
CA GLN B 343 1.18 2.37 -4.88
C GLN B 343 2.22 1.69 -5.77
N ASN B 344 3.26 1.12 -5.17
CA ASN B 344 4.30 0.48 -5.95
C ASN B 344 4.97 -0.65 -5.18
N ARG B 345 5.44 -1.64 -5.92
CA ARG B 345 6.19 -2.76 -5.36
C ARG B 345 7.34 -3.11 -6.29
N ILE B 346 8.57 -2.97 -5.81
CA ILE B 346 9.75 -3.16 -6.65
C ILE B 346 9.86 -4.59 -7.16
N ALA B 347 9.91 -4.73 -8.49
CA ALA B 347 10.05 -6.05 -9.12
C ALA B 347 11.49 -6.53 -9.07
N SER B 348 11.66 -7.83 -8.86
CA SER B 348 12.98 -8.43 -8.89
C SER B 348 13.60 -8.26 -10.28
N GLU B 349 12.81 -8.44 -11.32
CA GLU B 349 13.29 -8.32 -12.69
C GLU B 349 13.68 -6.89 -13.03
N PHE B 350 13.07 -5.94 -12.34
CA PHE B 350 13.43 -4.53 -12.50
C PHE B 350 14.83 -4.30 -11.96
N ASN B 351 15.12 -4.95 -10.83
CA ASN B 351 16.43 -4.88 -10.21
C ASN B 351 17.51 -5.48 -11.10
N THR B 352 17.18 -6.60 -11.74
CA THR B 352 18.13 -7.34 -12.55
C THR B 352 18.51 -6.59 -13.83
N LEU B 353 17.52 -6.01 -14.50
CA LEU B 353 17.77 -5.29 -15.74
C LEU B 353 18.54 -3.99 -15.49
N TYR B 354 18.60 -3.56 -14.24
CA TYR B 354 19.23 -2.29 -13.93
C TYR B 354 20.69 -2.45 -13.55
N HIS B 355 21.18 -3.69 -13.60
CA HIS B 355 22.58 -3.97 -13.33
C HIS B 355 23.44 -3.51 -14.51
N TRP B 356 23.58 -2.19 -14.65
CA TRP B 356 24.26 -1.58 -15.79
C TRP B 356 25.76 -1.49 -15.57
N HIS B 357 26.40 -2.65 -15.46
CA HIS B 357 27.85 -2.70 -15.32
C HIS B 357 28.60 -2.09 -16.51
N PRO B 358 28.16 -2.36 -17.76
CA PRO B 358 28.90 -1.77 -18.88
C PRO B 358 28.96 -0.24 -18.88
N LEU B 359 28.12 0.39 -18.07
CA LEU B 359 28.12 1.84 -17.96
C LEU B 359 29.42 2.36 -17.35
N LEU B 360 30.13 1.47 -16.66
CA LEU B 360 31.37 1.84 -15.97
C LEU B 360 32.55 2.02 -16.92
N PRO B 361 33.45 2.96 -16.60
CA PRO B 361 34.69 3.17 -17.36
C PRO B 361 35.82 2.23 -16.93
N ASP B 362 36.99 2.39 -17.54
CA ASP B 362 38.16 1.61 -17.14
C ASP B 362 38.87 2.32 -16.01
N THR B 363 38.89 3.64 -16.09
CA THR B 363 39.48 4.47 -15.06
C THR B 363 38.55 5.63 -14.75
N PHE B 364 38.74 6.24 -13.58
CA PHE B 364 37.91 7.37 -13.18
C PHE B 364 38.72 8.65 -13.25
N ASN B 365 38.48 9.42 -14.30
CA ASN B 365 39.29 10.59 -14.61
C ASN B 365 38.81 11.85 -13.90
N ILE B 366 39.57 12.26 -12.88
CA ILE B 366 39.25 13.47 -12.13
C ILE B 366 40.41 14.46 -12.20
N GLU B 367 40.16 15.61 -12.84
CA GLU B 367 41.15 16.65 -13.04
C GLU B 367 42.36 16.13 -13.82
N ASP B 368 43.46 15.85 -13.12
CA ASP B 368 44.68 15.40 -13.76
C ASP B 368 44.93 13.90 -13.54
N GLN B 369 44.03 13.26 -12.79
CA GLN B 369 44.25 11.89 -12.37
C GLN B 369 43.42 10.86 -13.14
N GLU B 370 43.98 9.66 -13.26
CA GLU B 370 43.26 8.51 -13.77
C GLU B 370 43.25 7.43 -12.71
N TYR B 371 42.16 7.31 -11.97
CA TYR B 371 42.08 6.35 -10.89
C TYR B 371 41.54 5.00 -11.37
N SER B 372 42.23 3.93 -11.02
CA SER B 372 41.73 2.59 -11.26
C SER B 372 40.61 2.27 -10.27
N PHE B 373 39.97 1.12 -10.45
CA PHE B 373 38.93 0.68 -9.53
C PHE B 373 39.49 0.49 -8.13
N LYS B 374 40.68 -0.12 -8.05
CA LYS B 374 41.31 -0.41 -6.78
C LYS B 374 41.64 0.87 -6.01
N GLN B 375 41.99 1.92 -6.76
CA GLN B 375 42.32 3.20 -6.16
C GLN B 375 41.08 4.00 -5.76
N PHE B 376 39.98 3.77 -6.47
CA PHE B 376 38.78 4.58 -6.29
C PHE B 376 37.94 4.11 -5.11
N LEU B 377 37.76 2.79 -4.99
CA LEU B 377 36.93 2.23 -3.94
C LEU B 377 37.41 2.63 -2.55
N TYR B 378 36.45 2.95 -1.68
CA TYR B 378 36.69 3.36 -0.30
C TYR B 378 37.49 4.66 -0.16
N ASN B 379 37.89 5.25 -1.28
CA ASN B 379 38.74 6.43 -1.27
C ASN B 379 37.95 7.74 -1.22
N ASN B 380 37.33 8.03 -0.09
CA ASN B 380 36.63 9.30 0.07
C ASN B 380 37.62 10.45 0.20
N SER B 381 38.89 10.11 0.42
CA SER B 381 39.95 11.11 0.47
C SER B 381 40.13 11.76 -0.90
N ILE B 382 39.79 11.03 -1.96
CA ILE B 382 39.79 11.57 -3.31
C ILE B 382 38.79 12.72 -3.41
N LEU B 383 37.64 12.52 -2.78
CA LEU B 383 36.58 13.52 -2.79
C LEU B 383 37.03 14.80 -2.08
N LEU B 384 37.71 14.64 -0.96
CA LEU B 384 38.17 15.78 -0.17
C LEU B 384 39.33 16.49 -0.85
N GLU B 385 40.16 15.72 -1.57
CA GLU B 385 41.36 16.26 -2.18
C GLU B 385 41.05 17.18 -3.35
N HIS B 386 40.15 16.74 -4.23
CA HIS B 386 39.77 17.52 -5.40
C HIS B 386 38.65 18.50 -5.06
N GLY B 387 37.58 17.97 -4.48
CA GLY B 387 36.43 18.78 -4.13
C GLY B 387 35.23 18.49 -5.01
N LEU B 388 34.07 19.01 -4.62
CA LEU B 388 32.83 18.77 -5.36
C LEU B 388 32.87 19.37 -6.76
N THR B 389 33.41 20.57 -6.88
CA THR B 389 33.42 21.29 -8.15
C THR B 389 34.26 20.56 -9.19
N GLN B 390 35.45 20.13 -8.81
CA GLN B 390 36.30 19.36 -9.70
C GLN B 390 35.67 18.00 -10.01
N PHE B 391 34.91 17.48 -9.05
CA PHE B 391 34.21 16.23 -9.25
C PHE B 391 33.11 16.38 -10.28
N VAL B 392 32.33 17.47 -10.18
CA VAL B 392 31.27 17.72 -11.13
C VAL B 392 31.84 18.05 -12.50
N GLU B 393 32.85 18.92 -12.54
CA GLU B 393 33.49 19.30 -13.79
C GLU B 393 34.05 18.10 -14.55
N SER B 394 34.74 17.22 -13.82
CA SER B 394 35.38 16.06 -14.43
C SER B 394 34.39 14.99 -14.85
N PHE B 395 33.43 14.69 -13.98
CA PHE B 395 32.44 13.65 -14.26
C PHE B 395 31.45 14.08 -15.35
N THR B 396 31.41 15.38 -15.64
CA THR B 396 30.54 15.89 -16.68
C THR B 396 31.11 15.59 -18.06
N ARG B 397 32.44 15.60 -18.17
CA ARG B 397 33.09 15.41 -19.46
C ARG B 397 33.58 13.97 -19.70
N GLN B 398 33.59 13.15 -18.65
CA GLN B 398 33.98 11.75 -18.84
C GLN B 398 32.81 10.89 -19.29
N ILE B 399 32.97 10.23 -20.44
CA ILE B 399 31.89 9.47 -21.04
C ILE B 399 31.69 8.10 -20.39
N ALA B 400 30.47 7.57 -20.52
CA ALA B 400 30.14 6.26 -19.98
C ALA B 400 30.10 5.21 -21.08
N GLY B 401 30.05 3.95 -20.68
CA GLY B 401 30.03 2.86 -21.64
C GLY B 401 28.64 2.53 -22.14
N ARG B 402 28.58 1.75 -23.21
CA ARG B 402 27.32 1.30 -23.78
C ARG B 402 26.83 0.04 -23.08
N VAL B 403 25.57 0.04 -22.66
CA VAL B 403 25.01 -1.10 -21.93
C VAL B 403 24.75 -2.29 -22.84
N ALA B 404 23.98 -2.07 -23.90
CA ALA B 404 23.70 -3.13 -24.87
C ALA B 404 24.79 -3.19 -25.93
N GLY B 405 24.75 -4.23 -26.77
CA GLY B 405 25.73 -4.37 -27.84
C GLY B 405 26.72 -5.50 -27.59
N GLY B 406 26.83 -5.92 -26.34
CA GLY B 406 27.71 -7.03 -25.98
C GLY B 406 29.13 -6.60 -25.68
N ARG B 407 29.79 -7.39 -24.85
CA ARG B 407 31.22 -7.23 -24.56
C ARG B 407 31.60 -5.83 -24.10
N ASN B 408 31.06 -5.39 -22.97
CA ASN B 408 31.40 -4.07 -22.46
C ASN B 408 31.44 -4.03 -20.92
N VAL B 409 31.38 -5.18 -20.28
CA VAL B 409 31.52 -5.24 -18.83
C VAL B 409 32.99 -5.18 -18.45
N PRO B 410 33.38 -4.15 -17.69
CA PRO B 410 34.78 -4.00 -17.28
C PRO B 410 35.27 -5.19 -16.48
N ILE B 411 36.53 -5.56 -16.68
CA ILE B 411 37.11 -6.75 -16.06
C ILE B 411 37.13 -6.64 -14.53
N ALA B 412 37.23 -5.41 -14.03
CA ALA B 412 37.34 -5.16 -12.59
C ALA B 412 36.13 -5.62 -11.82
N VAL B 413 34.97 -5.70 -12.47
CA VAL B 413 33.75 -6.13 -11.81
C VAL B 413 33.14 -7.39 -12.43
N GLN B 414 33.98 -8.29 -12.90
CA GLN B 414 33.52 -9.51 -13.55
C GLN B 414 32.80 -10.44 -12.58
N ALA B 415 33.19 -10.40 -11.32
CA ALA B 415 32.55 -11.22 -10.30
C ALA B 415 31.12 -10.78 -10.08
N VAL B 416 30.90 -9.47 -10.17
CA VAL B 416 29.57 -8.90 -9.97
C VAL B 416 28.65 -9.28 -11.12
N ALA B 417 29.17 -9.20 -12.34
CA ALA B 417 28.41 -9.55 -13.53
C ALA B 417 28.06 -11.04 -13.52
N LYS B 418 28.99 -11.84 -13.01
CA LYS B 418 28.77 -13.28 -12.91
C LYS B 418 27.71 -13.57 -11.87
N ALA B 419 27.64 -12.74 -10.84
CA ALA B 419 26.66 -12.90 -9.78
C ALA B 419 25.26 -12.59 -10.26
N SER B 420 25.15 -11.65 -11.19
CA SER B 420 23.85 -11.29 -11.77
C SER B 420 23.25 -12.44 -12.54
N ILE B 421 24.11 -13.28 -13.13
CA ILE B 421 23.66 -14.45 -13.86
C ILE B 421 23.36 -15.60 -12.90
N ASP B 422 24.26 -15.80 -11.93
CA ASP B 422 24.10 -16.87 -10.96
C ASP B 422 22.83 -16.70 -10.12
N GLN B 423 22.57 -15.47 -9.70
CA GLN B 423 21.43 -15.18 -8.84
C GLN B 423 20.11 -15.20 -9.61
N SER B 424 20.15 -14.83 -10.88
CA SER B 424 18.95 -14.91 -11.72
C SER B 424 18.52 -16.37 -11.85
N ARG B 425 19.49 -17.26 -11.98
CA ARG B 425 19.23 -18.69 -12.00
C ARG B 425 18.83 -19.17 -10.62
N GLU B 426 19.45 -18.59 -9.60
CA GLU B 426 19.16 -18.95 -8.22
C GLU B 426 17.71 -18.63 -7.87
N MET B 427 17.24 -17.50 -8.37
CA MET B 427 15.86 -17.07 -8.15
C MET B 427 14.91 -17.71 -9.17
N LYS B 428 15.44 -18.64 -9.95
CA LYS B 428 14.65 -19.40 -10.92
C LYS B 428 13.91 -18.49 -11.91
N TYR B 429 14.64 -17.56 -12.52
CA TYR B 429 14.06 -16.71 -13.55
C TYR B 429 13.63 -17.54 -14.76
N GLN B 430 12.58 -17.09 -15.44
CA GLN B 430 12.20 -17.68 -16.71
C GLN B 430 13.08 -17.12 -17.81
N SER B 431 12.90 -17.63 -19.02
CA SER B 431 13.77 -17.28 -20.14
C SER B 431 13.49 -15.87 -20.67
N LEU B 432 14.35 -15.42 -21.58
CA LEU B 432 14.20 -14.12 -22.22
C LEU B 432 12.90 -14.01 -23.00
N ASN B 433 12.59 -15.04 -23.78
CA ASN B 433 11.40 -15.03 -24.63
C ASN B 433 10.09 -15.03 -23.84
N GLU B 434 10.13 -15.57 -22.63
CA GLU B 434 8.95 -15.56 -21.78
C GLU B 434 8.68 -14.15 -21.26
N TYR B 435 9.74 -13.44 -20.90
CA TYR B 435 9.62 -12.08 -20.40
C TYR B 435 9.26 -11.11 -21.52
N ARG B 436 9.58 -11.48 -22.76
CA ARG B 436 9.22 -10.66 -23.89
C ARG B 436 7.73 -10.79 -24.18
N LYS B 437 7.22 -12.02 -24.13
CA LYS B 437 5.79 -12.27 -24.35
C LYS B 437 4.96 -11.67 -23.22
N ARG B 438 5.54 -11.61 -22.04
CA ARG B 438 4.90 -11.03 -20.88
C ARG B 438 4.68 -9.53 -21.09
N PHE B 439 5.56 -8.91 -21.86
CA PHE B 439 5.49 -7.47 -22.08
C PHE B 439 5.07 -7.09 -23.50
N SER B 440 4.23 -7.94 -24.09
CA SER B 440 3.64 -7.68 -25.41
C SER B 440 4.68 -7.51 -26.51
N LEU B 441 5.80 -8.20 -26.37
CA LEU B 441 6.82 -8.22 -27.41
C LEU B 441 6.81 -9.54 -28.16
N LYS B 442 7.50 -9.57 -29.29
CA LYS B 442 7.57 -10.77 -30.11
C LYS B 442 8.86 -11.53 -29.81
N PRO B 443 8.75 -12.84 -29.54
CA PRO B 443 9.91 -13.68 -29.21
C PRO B 443 10.95 -13.68 -30.31
N TYR B 444 12.23 -13.71 -29.94
CA TYR B 444 13.31 -13.82 -30.90
C TYR B 444 13.34 -15.22 -31.48
N THR B 445 13.56 -15.32 -32.79
CA THR B 445 13.55 -16.61 -33.48
C THR B 445 14.94 -17.23 -33.55
N SER B 446 15.96 -16.38 -33.56
CA SER B 446 17.35 -16.83 -33.61
C SER B 446 18.23 -15.90 -32.80
N PHE B 447 19.43 -16.36 -32.46
CA PHE B 447 20.37 -15.55 -31.70
C PHE B 447 20.89 -14.39 -32.53
N GLU B 448 20.88 -14.57 -33.86
CA GLU B 448 21.31 -13.52 -34.76
C GLU B 448 20.34 -12.34 -34.76
N GLU B 449 19.05 -12.63 -34.60
CA GLU B 449 18.06 -11.57 -34.51
C GLU B 449 18.22 -10.81 -33.20
N LEU B 450 18.56 -11.55 -32.15
CA LEU B 450 18.76 -10.96 -30.82
C LEU B 450 19.93 -9.98 -30.79
N THR B 451 21.05 -10.37 -31.38
CA THR B 451 22.26 -9.56 -31.32
C THR B 451 22.41 -8.63 -32.52
N GLY B 452 21.89 -9.04 -33.67
CA GLY B 452 21.99 -8.23 -34.87
C GLY B 452 23.32 -8.42 -35.58
N GLU B 453 24.08 -9.42 -35.13
CA GLU B 453 25.35 -9.76 -35.75
C GLU B 453 25.53 -11.26 -35.79
N LYS B 454 26.70 -11.72 -36.20
CA LYS B 454 26.91 -13.16 -36.41
C LYS B 454 27.89 -13.77 -35.43
N GLU B 455 28.87 -13.00 -34.98
CA GLU B 455 29.94 -13.54 -34.16
C GLU B 455 29.47 -13.97 -32.77
N MET B 456 28.82 -13.08 -32.04
CA MET B 456 28.33 -13.40 -30.71
C MET B 456 27.15 -14.36 -30.78
N ALA B 457 26.34 -14.22 -31.82
CA ALA B 457 25.18 -15.09 -31.99
C ALA B 457 25.61 -16.54 -32.15
N ALA B 458 26.73 -16.75 -32.84
CA ALA B 458 27.29 -18.08 -32.99
C ALA B 458 27.78 -18.60 -31.65
N GLU B 459 28.32 -17.70 -30.83
CA GLU B 459 28.81 -18.06 -29.51
C GLU B 459 27.69 -18.53 -28.61
N LEU B 460 26.60 -17.77 -28.59
CA LEU B 460 25.47 -18.07 -27.71
C LEU B 460 24.77 -19.36 -28.09
N LYS B 461 24.65 -19.63 -29.39
CA LYS B 461 23.98 -20.84 -29.85
C LYS B 461 24.77 -22.08 -29.45
N ALA B 462 26.09 -21.93 -29.37
CA ALA B 462 26.94 -23.01 -28.90
C ALA B 462 26.71 -23.26 -27.42
N LEU B 463 26.38 -22.20 -26.69
CA LEU B 463 26.18 -22.27 -25.26
C LEU B 463 24.77 -22.72 -24.88
N TYR B 464 23.77 -22.05 -25.44
CA TYR B 464 22.38 -22.24 -25.02
C TYR B 464 21.59 -23.21 -25.89
N SER B 465 22.07 -23.47 -27.11
CA SER B 465 21.44 -24.40 -28.05
C SER B 465 20.09 -23.92 -28.58
N ASP B 466 19.28 -23.32 -27.72
CA ASP B 466 17.96 -22.86 -28.11
C ASP B 466 17.77 -21.39 -27.70
N ILE B 467 17.13 -20.62 -28.58
CA ILE B 467 16.87 -19.22 -28.28
C ILE B 467 15.79 -19.10 -27.19
N ASP B 468 14.96 -20.13 -27.07
CA ASP B 468 13.87 -20.13 -26.11
C ASP B 468 14.32 -20.45 -24.68
N VAL B 469 15.61 -20.70 -24.49
CA VAL B 469 16.14 -20.92 -23.16
C VAL B 469 17.23 -19.91 -22.84
N MET B 470 17.37 -18.91 -23.72
CA MET B 470 18.29 -17.82 -23.49
C MET B 470 17.87 -17.02 -22.27
N GLU B 471 18.82 -16.79 -21.36
CA GLU B 471 18.52 -16.08 -20.12
C GLU B 471 18.22 -14.61 -20.37
N LEU B 472 17.55 -13.98 -19.41
CA LEU B 472 17.11 -12.59 -19.56
C LEU B 472 18.26 -11.60 -19.43
N TYR B 473 19.03 -11.72 -18.37
CA TYR B 473 20.06 -10.73 -18.08
C TYR B 473 21.17 -10.65 -19.13
N PRO B 474 21.83 -11.79 -19.45
CA PRO B 474 22.93 -11.66 -20.42
C PRO B 474 22.43 -11.20 -21.79
N ALA B 475 21.16 -11.45 -22.09
CA ALA B 475 20.58 -11.04 -23.36
C ALA B 475 20.47 -9.53 -23.43
N LEU B 476 20.14 -8.91 -22.30
CA LEU B 476 19.98 -7.47 -22.22
C LEU B 476 21.28 -6.73 -22.54
N LEU B 477 22.41 -7.41 -22.34
CA LEU B 477 23.71 -6.79 -22.54
C LEU B 477 24.26 -7.04 -23.94
N VAL B 478 23.75 -8.08 -24.60
CA VAL B 478 24.21 -8.42 -25.94
C VAL B 478 23.17 -8.08 -27.02
N GLU B 479 22.01 -7.59 -26.59
CA GLU B 479 20.92 -7.31 -27.52
C GLU B 479 21.30 -6.21 -28.50
N LYS B 480 20.79 -6.33 -29.72
CA LYS B 480 20.96 -5.32 -30.75
C LYS B 480 20.39 -3.99 -30.28
N PRO B 481 21.25 -2.98 -30.14
CA PRO B 481 20.81 -1.65 -29.68
C PRO B 481 19.98 -0.90 -30.71
N ARG B 482 19.15 0.02 -30.24
CA ARG B 482 18.47 0.96 -31.12
C ARG B 482 19.52 1.85 -31.78
N PRO B 483 19.21 2.37 -32.97
CA PRO B 483 20.12 3.24 -33.74
C PRO B 483 20.83 4.30 -32.89
N ASP B 484 22.13 4.14 -32.71
CA ASP B 484 22.96 5.06 -31.91
C ASP B 484 22.42 5.24 -30.49
N ALA B 485 21.79 4.20 -29.95
CA ALA B 485 21.23 4.26 -28.62
C ALA B 485 21.99 3.35 -27.66
N ILE B 486 21.62 3.44 -26.38
CA ILE B 486 22.33 2.73 -25.32
C ILE B 486 21.69 1.37 -25.02
N PHE B 487 20.40 1.22 -25.34
CA PHE B 487 19.66 0.02 -24.99
C PHE B 487 19.11 -0.70 -26.21
N GLY B 488 18.78 -1.97 -26.04
CA GLY B 488 18.04 -2.71 -27.03
C GLY B 488 16.55 -2.57 -26.76
N GLU B 489 15.74 -3.33 -27.47
CA GLU B 489 14.28 -3.23 -27.34
C GLU B 489 13.78 -3.76 -26.00
N THR B 490 14.34 -4.88 -25.55
CA THR B 490 13.88 -5.52 -24.31
C THR B 490 14.14 -4.67 -23.08
N MET B 491 15.31 -4.05 -23.03
CA MET B 491 15.67 -3.18 -21.92
C MET B 491 14.69 -2.03 -21.76
N VAL B 492 14.25 -1.48 -22.88
CA VAL B 492 13.33 -0.35 -22.88
C VAL B 492 11.92 -0.75 -22.50
N GLU B 493 11.38 -1.76 -23.19
CA GLU B 493 9.99 -2.16 -23.01
C GLU B 493 9.71 -2.76 -21.64
N LEU B 494 10.76 -3.22 -20.96
CA LEU B 494 10.63 -3.73 -19.60
C LEU B 494 10.84 -2.63 -18.56
N GLY B 495 11.86 -1.82 -18.78
CA GLY B 495 12.26 -0.80 -17.82
C GLY B 495 11.39 0.44 -17.79
N ALA B 496 10.85 0.82 -18.94
CA ALA B 496 10.00 2.01 -19.05
C ALA B 496 8.73 1.92 -18.19
N PRO B 497 8.01 0.77 -18.22
CA PRO B 497 6.85 0.73 -17.32
C PRO B 497 7.25 0.71 -15.86
N PHE B 498 8.27 -0.07 -15.53
CA PHE B 498 8.73 -0.21 -14.15
C PHE B 498 9.20 1.12 -13.56
N SER B 499 9.85 1.93 -14.38
CA SER B 499 10.37 3.22 -13.93
C SER B 499 9.25 4.25 -13.76
N LEU B 500 8.30 4.25 -14.69
CA LEU B 500 7.21 5.22 -14.64
C LEU B 500 6.23 4.93 -13.51
N LYS B 501 6.04 3.66 -13.19
CA LYS B 501 5.15 3.29 -12.10
C LYS B 501 5.75 3.65 -10.74
N GLY B 502 7.06 3.47 -10.62
CA GLY B 502 7.75 3.77 -9.38
C GLY B 502 7.77 5.25 -9.06
N LEU B 503 7.71 6.07 -10.09
CA LEU B 503 7.76 7.52 -9.92
C LEU B 503 6.39 8.12 -9.69
N MET B 504 5.45 7.85 -10.59
CA MET B 504 4.11 8.42 -10.50
C MET B 504 3.27 7.78 -9.39
N GLY B 505 3.65 6.56 -9.01
CA GLY B 505 2.92 5.85 -7.97
C GLY B 505 3.21 6.39 -6.58
N ASN B 506 4.09 7.38 -6.50
CA ASN B 506 4.42 8.02 -5.25
C ASN B 506 3.21 8.76 -4.69
N PRO B 507 2.96 8.63 -3.38
CA PRO B 507 1.79 9.26 -2.76
C PRO B 507 1.75 10.77 -2.93
N ILE B 508 2.90 11.41 -3.16
CA ILE B 508 2.91 12.86 -3.34
C ILE B 508 2.33 13.25 -4.69
N CYS B 509 2.17 12.27 -5.58
CA CYS B 509 1.59 12.53 -6.88
C CYS B 509 0.08 12.33 -6.87
N SER B 510 -0.44 11.90 -5.72
CA SER B 510 -1.88 11.74 -5.54
C SER B 510 -2.51 13.10 -5.33
N PRO B 511 -3.78 13.26 -5.76
CA PRO B 511 -4.47 14.55 -5.73
C PRO B 511 -4.52 15.22 -4.35
N GLN B 512 -4.68 14.44 -3.28
CA GLN B 512 -4.75 15.04 -1.95
C GLN B 512 -3.38 15.50 -1.45
N TYR B 513 -2.31 15.06 -2.11
CA TYR B 513 -0.96 15.46 -1.75
C TYR B 513 -0.43 16.55 -2.66
N TRP B 514 -0.79 16.49 -3.94
CA TRP B 514 -0.28 17.44 -4.91
C TRP B 514 -0.94 18.81 -4.75
N LYS B 515 -0.70 19.41 -3.58
CA LYS B 515 -1.20 20.74 -3.24
C LYS B 515 -0.04 21.60 -2.75
N PRO B 516 -0.12 22.93 -2.96
CA PRO B 516 0.91 23.84 -2.45
C PRO B 516 1.09 23.77 -0.94
N SER B 517 0.02 23.48 -0.21
CA SER B 517 0.08 23.47 1.25
C SER B 517 0.89 22.29 1.79
N THR B 518 0.96 21.22 0.99
CA THR B 518 1.72 20.04 1.37
C THR B 518 3.21 20.34 1.48
N PHE B 519 3.67 21.31 0.69
CA PHE B 519 5.08 21.61 0.61
C PHE B 519 5.42 22.97 1.22
N GLY B 520 4.50 23.49 2.04
CA GLY B 520 4.76 24.70 2.79
C GLY B 520 4.37 25.99 2.11
N GLY B 521 3.65 25.90 1.00
CA GLY B 521 3.23 27.07 0.27
C GLY B 521 3.64 27.04 -1.19
N GLU B 522 3.41 28.14 -1.89
CA GLU B 522 3.72 28.22 -3.32
C GLU B 522 5.23 28.25 -3.55
N VAL B 523 5.96 28.78 -2.58
CA VAL B 523 7.41 28.86 -2.68
C VAL B 523 8.04 27.47 -2.74
N GLY B 524 7.64 26.61 -1.82
CA GLY B 524 8.14 25.25 -1.76
C GLY B 524 7.63 24.38 -2.91
N PHE B 525 6.45 24.72 -3.41
CA PHE B 525 5.87 23.99 -4.53
C PHE B 525 6.65 24.28 -5.81
N LYS B 526 7.11 25.51 -5.96
CA LYS B 526 7.86 25.89 -7.15
C LYS B 526 9.26 25.27 -7.15
N ILE B 527 9.78 24.99 -5.95
CA ILE B 527 11.07 24.33 -5.83
C ILE B 527 11.04 22.95 -6.48
N ILE B 528 9.92 22.26 -6.33
CA ILE B 528 9.73 20.97 -6.96
C ILE B 528 9.58 21.08 -8.47
N ASN B 529 8.71 21.98 -8.91
CA ASN B 529 8.35 22.09 -10.31
C ASN B 529 9.37 22.81 -11.18
N THR B 530 10.42 23.33 -10.56
CA THR B 530 11.48 23.99 -11.32
C THR B 530 12.83 23.32 -11.07
N ALA B 531 12.79 22.17 -10.43
CA ALA B 531 14.00 21.44 -10.09
C ALA B 531 14.63 20.81 -11.33
N SER B 532 15.97 20.73 -11.34
CA SER B 532 16.70 20.12 -12.44
C SER B 532 18.08 19.68 -11.96
N ILE B 533 18.78 18.92 -12.78
CA ILE B 533 20.10 18.44 -12.42
C ILE B 533 21.10 19.60 -12.37
N GLN B 534 20.86 20.63 -13.18
CA GLN B 534 21.74 21.78 -13.21
C GLN B 534 21.53 22.67 -12.00
N SER B 535 20.28 22.87 -11.62
CA SER B 535 19.96 23.71 -10.47
C SER B 535 20.41 23.05 -9.18
N LEU B 536 20.35 21.72 -9.14
CA LEU B 536 20.79 20.96 -7.97
C LEU B 536 22.28 21.17 -7.72
N ILE B 537 23.05 21.21 -8.80
CA ILE B 537 24.49 21.41 -8.71
C ILE B 537 24.81 22.89 -8.48
N CYS B 538 24.09 23.75 -9.19
CA CYS B 538 24.31 25.19 -9.09
C CYS B 538 24.03 25.73 -7.68
N ASN B 539 22.98 25.22 -7.04
CA ASN B 539 22.59 25.70 -5.72
C ASN B 539 23.45 25.17 -4.58
N ASN B 540 24.16 24.08 -4.82
CA ASN B 540 24.84 23.37 -3.74
C ASN B 540 26.35 23.22 -3.92
N VAL B 541 26.80 23.15 -5.16
CA VAL B 541 28.22 22.98 -5.44
C VAL B 541 28.86 24.35 -5.70
N LYS B 542 30.00 24.59 -5.07
CA LYS B 542 30.70 25.87 -5.16
C LYS B 542 31.12 26.21 -6.58
N GLY B 543 30.83 27.44 -7.00
CA GLY B 543 31.20 27.91 -8.32
C GLY B 543 30.10 27.72 -9.34
N CYS B 544 29.10 26.92 -8.99
CA CYS B 544 27.99 26.57 -9.88
C CYS B 544 28.51 26.09 -11.23
N PRO B 545 29.15 24.92 -11.25
CA PRO B 545 29.65 24.39 -12.52
C PRO B 545 28.53 23.92 -13.45
N PHE B 546 28.77 24.00 -14.75
CA PHE B 546 27.80 23.51 -15.73
C PHE B 546 27.80 21.99 -15.76
N THR B 547 26.62 21.40 -15.72
CA THR B 547 26.52 19.95 -15.77
C THR B 547 25.26 19.48 -16.45
N SER B 548 25.29 18.23 -16.88
CA SER B 548 24.16 17.55 -17.48
C SER B 548 24.47 16.07 -17.54
N PHE B 549 23.68 15.32 -18.32
CA PHE B 549 23.90 13.89 -18.46
C PHE B 549 24.51 13.55 -19.81
N ASN B 550 24.93 14.56 -20.56
CA ASN B 550 25.51 14.36 -21.88
C ASN B 550 26.88 15.01 -22.02
N VAL B 551 27.37 15.05 -23.26
CA VAL B 551 28.70 15.60 -23.58
C VAL B 551 29.79 14.93 -22.76
C1 NAG C . 6.55 4.57 13.92
C2 NAG C . 7.96 3.99 13.89
C3 NAG C . 8.39 3.55 15.29
C4 NAG C . 8.18 4.67 16.30
C5 NAG C . 6.74 5.16 16.23
C6 NAG C . 6.46 6.34 17.12
C7 NAG C . 9.05 2.70 12.10
C8 NAG C . 8.96 1.49 11.23
N2 NAG C . 8.04 2.87 12.97
O3 NAG C . 9.76 3.18 15.28
O4 NAG C . 8.43 4.19 17.62
O5 NAG C . 6.46 5.60 14.89
O6 NAG C . 6.76 7.57 16.47
O7 NAG C . 9.99 3.48 12.04
C1 NAG C . 9.50 4.91 18.25
C2 NAG C . 9.33 4.80 19.77
C3 NAG C . 10.49 5.49 20.48
C4 NAG C . 11.82 4.93 19.99
C5 NAG C . 11.90 5.09 18.47
C6 NAG C . 13.16 4.51 17.88
C7 NAG C . 6.96 4.61 20.41
C8 NAG C . 5.74 5.35 20.86
N2 NAG C . 8.06 5.36 20.20
O3 NAG C . 10.36 5.28 21.88
O4 NAG C . 12.89 5.61 20.62
O5 NAG C . 10.80 4.41 17.86
O6 NAG C . 12.87 3.39 17.05
O7 NAG C . 6.96 3.41 20.23
C1 NAG D . 8.61 -12.37 5.26
C2 NAG D . 8.39 -12.43 6.77
C3 NAG D . 9.68 -12.83 7.49
C4 NAG D . 10.25 -14.11 6.90
C5 NAG D . 10.41 -13.94 5.39
C6 NAG D . 10.89 -15.20 4.70
C7 NAG D . 6.77 -11.00 7.95
C8 NAG D . 6.45 -9.59 8.38
N2 NAG D . 7.91 -11.14 7.27
O3 NAG D . 9.41 -13.02 8.87
O4 NAG D . 11.53 -14.39 7.47
O5 NAG D . 9.14 -13.62 4.81
O6 NAG D . 9.82 -16.12 4.49
O7 NAG D . 6.03 -11.94 8.19
C1 NAG D . 11.53 -15.63 8.20
C2 NAG D . 12.98 -16.15 8.22
C3 NAG D . 13.08 -17.43 9.07
C4 NAG D . 12.45 -17.22 10.43
C5 NAG D . 11.03 -16.70 10.29
C6 NAG D . 10.37 -16.39 11.61
C7 NAG D . 14.39 -15.67 6.27
C8 NAG D . 14.75 -16.07 4.87
N2 NAG D . 13.45 -16.40 6.87
O3 NAG D . 14.45 -17.77 9.21
O4 NAG D . 12.44 -18.45 11.16
O5 NAG D . 11.06 -15.47 9.54
O6 NAG D . 9.26 -15.51 11.45
O7 NAG D . 14.93 -14.72 6.84
CO COH E . -14.90 -3.74 23.27
CHA COH E . -11.79 -2.36 22.73
CHB COH E . -13.94 -4.52 26.51
CHC COH E . -17.75 -5.57 23.70
CHD COH E . -15.94 -2.82 20.11
NA COH E . -13.19 -3.46 24.44
C1A COH E . -12.01 -2.91 23.98
C2A COH E . -11.03 -3.01 25.05
C3A COH E . -11.62 -3.61 26.10
C4A COH E . -12.99 -3.91 25.72
CMA COH E . -10.98 -3.94 27.47
CAA COH E . -9.56 -2.51 24.96
CBA COH E . -9.36 -1.29 25.86
CGA COH E . -9.35 -0.02 25.04
O1A COH E . -8.77 0.99 25.53
O2A COH E . -9.90 0.00 23.91
NB COH E . -15.75 -4.76 24.87
C1B COH E . -15.09 -5.13 26.02
C2B COH E . -15.77 -6.25 26.62
C3B COH E . -16.82 -6.56 25.85
C4B COH E . -16.83 -5.62 24.73
CMB COH E . -15.29 -6.93 27.93
CAB COH E . -17.90 -7.67 26.00
CBB COH E . -17.92 -8.58 26.98
NC COH E . -16.57 -4.10 22.11
C1C COH E . -17.59 -4.95 22.47
C2C COH E . -18.46 -5.09 21.32
C3C COH E . -17.98 -4.34 20.33
C4C COH E . -16.77 -3.68 20.80
CMC COH E . -19.74 -5.96 21.25
CAC COH E . -18.68 -4.25 18.95
CBC COH E . -18.14 -3.60 17.91
ND COH E . -14.01 -2.76 21.66
C1D COH E . -14.65 -2.44 20.47
C2D COH E . -13.75 -1.65 19.65
C3D COH E . -12.45 -1.52 20.47
C4D COH E . -12.71 -2.24 21.71
CMD COH E . -14.02 -1.07 18.25
CAD COH E . -11.15 -0.79 20.09
CBD COH E . -10.19 -1.83 19.53
CGD COH E . -8.79 -1.66 20.08
O1D COH E . -8.34 -0.51 20.33
O2D COH E . -8.12 -2.71 20.29
S1 CEL F . -29.25 2.79 9.91
C15 CEL F . -27.93 2.33 8.81
C14 CEL F . -27.98 2.74 7.50
C13 CEL F . -26.95 2.38 6.63
C12 CEL F . -25.88 1.61 7.07
C17 CEL F . -25.84 1.20 8.40
C16 CEL F . -26.86 1.56 9.26
N2 CEL F . -24.94 1.31 6.15
C3 CEL F . -23.60 1.11 6.30
C5 CEL F . -22.81 1.15 7.45
C10 CEL F . -22.87 2.23 8.31
C9 CEL F . -22.08 2.26 9.43
C8 CEL F . -21.22 1.20 9.72
C11 CEL F . -20.37 1.23 10.96
C7 CEL F . -21.17 0.12 8.85
C6 CEL F . -21.95 0.09 7.72
C2 CEL F . -23.10 0.85 5.05
C1 CEL F . -24.12 0.89 4.15
C4 CEL F . -24.01 0.65 2.65
F3 CEL F . -25.19 0.25 2.16
F2 CEL F . -23.67 1.80 2.06
F1 CEL F . -23.08 -0.27 2.41
N1 CEL F . -25.24 1.17 4.83
N3 CEL F . -30.62 2.01 9.50
O2 CEL F . -28.90 2.52 11.28
O1 CEL F . -29.45 4.23 9.94
C1 BOG G . -29.18 11.68 36.08
O1 BOG G . -27.85 11.29 36.02
C2 BOG G . -29.48 12.61 34.93
O2 BOG G . -28.72 13.84 35.10
C3 BOG G . -30.92 12.95 34.85
O3 BOG G . -31.16 13.70 33.65
C4 BOG G . -31.78 11.73 34.83
O4 BOG G . -33.17 12.13 34.94
C5 BOG G . -31.46 10.78 35.95
O5 BOG G . -30.03 10.47 36.05
C6 BOG G . -32.23 9.49 35.71
O6 BOG G . -31.58 8.73 34.75
C1' BOG G . -27.10 11.48 37.24
C2' BOG G . -26.12 10.33 37.41
C3' BOG G . -26.91 9.04 37.54
C4' BOG G . -26.00 7.83 37.28
C5' BOG G . -26.86 6.61 36.92
C6' BOG G . -25.97 5.52 36.35
C7' BOG G . -26.66 4.15 36.49
C8' BOG G . -28.00 4.20 35.83
C1 NAG H . -12.68 33.80 7.59
C2 NAG H . -13.59 35.02 7.44
C3 NAG H . -13.32 36.04 8.54
C4 NAG H . -13.40 35.39 9.91
C5 NAG H . -12.45 34.20 9.95
C6 NAG H . -12.52 33.43 11.25
C7 NAG H . -14.23 35.37 5.09
C8 NAG H . -13.92 36.10 3.81
N2 NAG H . -13.43 35.64 6.12
O3 NAG H . -14.28 37.09 8.44
O4 NAG H . -13.04 36.32 10.92
O5 NAG H . -12.81 33.27 8.91
O6 NAG H . -11.24 32.93 11.62
O7 NAG H . -15.17 34.58 5.18
C1 NAG I . -18.73 -20.08 34.48
C2 NAG I . -19.02 -21.58 34.61
C3 NAG I . -19.67 -21.87 35.97
C4 NAG I . -18.82 -21.29 37.10
C5 NAG I . -18.51 -19.82 36.84
C6 NAG I . -17.56 -19.23 37.86
C7 NAG I . -19.94 -23.33 33.16
C8 NAG I . -20.87 -23.65 32.04
N2 NAG I . -19.87 -22.05 33.53
O3 NAG I . -19.83 -23.27 36.14
O4 NAG I . -19.52 -21.42 38.33
O5 NAG I . -17.89 -19.67 35.56
O6 NAG I . -16.52 -18.51 37.22
O7 NAG I . -19.27 -24.21 33.72
CO COH J . 26.64 -2.09 -9.34
CHA COH J . 24.53 -4.10 -7.46
CHB COH J . 29.32 -3.63 -7.94
CHC COH J . 28.67 0.55 -10.33
CHD COH J . 24.04 -0.78 -11.05
NA COH J . 26.89 -3.64 -7.98
C1A COH J . 25.89 -4.24 -7.25
C2A COH J . 26.52 -5.07 -6.24
C3A COH J . 27.85 -4.95 -6.36
C4A COH J . 28.10 -4.03 -7.47
CMA COH J . 28.92 -5.63 -5.49
CAA COH J . 25.72 -5.92 -5.20
CBA COH J . 25.93 -7.43 -5.39
CGA COH J . 25.26 -7.95 -6.64
O1A COH J . 25.41 -9.17 -6.92
O2A COH J . 24.59 -7.16 -7.36
NB COH J . 28.67 -1.64 -9.23
C1B COH J . 29.56 -2.38 -8.48
C2B COH J . 30.78 -1.61 -8.36
C3B COH J . 30.61 -0.45 -8.99
C4B COH J . 29.27 -0.44 -9.58
CMB COH J . 32.05 -2.05 -7.59
CAB COH J . 31.73 0.63 -9.07
CBB COH J . 31.51 1.87 -9.51
NC COH J . 26.41 -0.41 -10.50
C1C COH J . 27.35 0.56 -10.77
C2C COH J . 26.71 1.58 -11.58
C3C COH J . 25.44 1.22 -11.79
C4C COH J . 25.21 -0.04 -11.11
CMC COH J . 27.35 2.86 -12.14
CAC COH J . 24.43 2.07 -12.62
CBC COH J . 23.16 1.74 -12.78
ND COH J . 24.57 -2.44 -9.30
C1D COH J . 23.69 -1.64 -10.02
C2D COH J . 22.36 -1.89 -9.52
C3D COH J . 22.51 -2.92 -8.40
C4D COH J . 23.93 -3.21 -8.34
CMD COH J . 21.04 -1.23 -10.01
CAD COH J . 21.38 -3.54 -7.54
CBD COH J . 21.57 -3.23 -6.05
CGD COH J . 20.92 -4.31 -5.24
O1D COH J . 20.21 -5.16 -5.84
O2D COH J . 21.11 -4.34 -4.00
S1 CEL K . 16.70 4.00 -25.99
C15 CEL K . 15.50 4.41 -24.73
C14 CEL K . 14.17 4.56 -25.08
C13 CEL K . 13.23 4.88 -24.11
C12 CEL K . 13.61 5.04 -22.78
C17 CEL K . 14.95 4.90 -22.43
C16 CEL K . 15.89 4.58 -23.40
N2 CEL K . 12.65 5.36 -21.90
C3 CEL K . 12.47 4.93 -20.62
C5 CEL K . 13.25 4.04 -19.89
C10 CEL K . 13.53 2.78 -20.38
C9 CEL K . 14.31 1.91 -19.65
C8 CEL K . 14.79 2.28 -18.39
C11 CEL K . 15.63 1.32 -17.58
C7 CEL K . 14.49 3.54 -17.90
C6 CEL K . 13.72 4.41 -18.64
C2 CEL K . 11.34 5.55 -20.14
C1 CEL K . 10.84 6.36 -21.11
C4 CEL K . 9.60 7.24 -21.03
F3 CEL K . 8.63 6.76 -21.81
F2 CEL K . 9.15 7.27 -19.76
F1 CEL K . 9.90 8.48 -21.43
N1 CEL K . 11.65 6.23 -22.18
N3 CEL K . 17.10 5.33 -26.84
O2 CEL K . 17.86 3.40 -25.41
O1 CEL K . 16.23 2.95 -26.85
C1 NAG L . -1.82 -26.24 -25.85
C2 NAG L . -2.25 -26.99 -27.11
C3 NAG L . -1.86 -28.46 -27.01
C4 NAG L . -0.38 -28.60 -26.71
C5 NAG L . -0.03 -27.80 -25.46
C6 NAG L . 1.46 -27.80 -25.16
C7 NAG L . -4.21 -25.94 -28.16
C8 NAG L . -5.70 -25.94 -28.28
N2 NAG L . -3.68 -26.85 -27.33
O3 NAG L . -2.17 -29.11 -28.24
O4 NAG L . -0.05 -29.97 -26.49
O5 NAG L . -0.41 -26.43 -25.65
O6 NAG L . 1.72 -27.34 -23.84
O7 NAG L . -3.50 -25.17 -28.80
C1 NAG M . 43.42 6.36 -3.07
C2 NAG M . 44.18 7.59 -2.59
C3 NAG M . 45.68 7.37 -2.71
C4 NAG M . 46.09 6.07 -2.00
C5 NAG M . 45.25 4.91 -2.53
C6 NAG M . 45.51 3.61 -1.81
C7 NAG M . 43.92 10.02 -2.87
C8 NAG M . 43.47 11.12 -3.78
N2 NAG M . 43.79 8.77 -3.34
O3 NAG M . 46.39 8.46 -2.14
O4 NAG M . 47.46 5.80 -2.24
O5 NAG M . 43.85 5.21 -2.33
O6 NAG M . 44.51 2.65 -2.11
O7 NAG M . 44.37 10.25 -1.75
#